data_7VYW
# 
_entry.id   7VYW 
# 
_audit_conform.dict_name       mmcif_pdbx.dic 
_audit_conform.dict_version    5.380 
_audit_conform.dict_location   http://mmcif.pdb.org/dictionaries/ascii/mmcif_pdbx.dic 
# 
loop_
_database_2.database_id 
_database_2.database_code 
_database_2.pdbx_database_accession 
_database_2.pdbx_DOI 
PDB   7VYW         pdb_00007vyw 10.2210/pdb7vyw/pdb 
WWPDB D_1300024840 ?            ?                   
# 
_pdbx_database_status.status_code                     REL 
_pdbx_database_status.status_code_sf                  REL 
_pdbx_database_status.status_code_mr                  ? 
_pdbx_database_status.entry_id                        7VYW 
_pdbx_database_status.recvd_initial_deposition_date   2021-11-15 
_pdbx_database_status.SG_entry                        N 
_pdbx_database_status.deposit_site                    PDBJ 
_pdbx_database_status.process_site                    PDBJ 
_pdbx_database_status.status_code_cs                  ? 
_pdbx_database_status.status_code_nmr_data            ? 
_pdbx_database_status.methods_development_category    ? 
_pdbx_database_status.pdb_format_compatible           Y 
# 
loop_
_audit_author.name 
_audit_author.pdbx_ordinal 
_audit_author.identifier_ORCID 
'Liu, Y.'   1 ? 
'Zhang, M.' 2 ? 
'Min, J.'   3 ? 
# 
_citation.abstract                  ? 
_citation.abstract_id_CAS           ? 
_citation.book_id_ISBN              ? 
_citation.book_publisher            ? 
_citation.book_publisher_city       ? 
_citation.book_title                ? 
_citation.coordinate_linkage        ? 
_citation.country                   US 
_citation.database_id_Medline       ? 
_citation.details                   ? 
_citation.id                        primary 
_citation.journal_abbrev            J.Biol.Chem. 
_citation.journal_id_ASTM           JBCHA3 
_citation.journal_id_CSD            0071 
_citation.journal_id_ISSN           1083-351X 
_citation.journal_full              ? 
_citation.journal_issue             ? 
_citation.journal_volume            298 
_citation.language                  ? 
_citation.page_first                101623 
_citation.page_last                 101623 
_citation.title                     
'Structural basis for the recognition of methylated histone H3 by the Arabidopsis LHP1 chromodomain.' 
_citation.year                      2022 
_citation.database_id_CSD           ? 
_citation.pdbx_database_id_DOI      10.1016/j.jbc.2022.101623 
_citation.pdbx_database_id_PubMed   35074427 
_citation.pdbx_database_id_patent   ? 
_citation.unpublished_flag          ? 
# 
loop_
_citation_author.citation_id 
_citation_author.name 
_citation_author.ordinal 
_citation_author.identifier_ORCID 
primary 'Liu, Y.'   1  ? 
primary 'Yang, X.'  2  ? 
primary 'Zhou, M.'  3  ? 
primary 'Yang, Y.'  4  ? 
primary 'Li, F.'    5  ? 
primary 'Yan, X.'   6  ? 
primary 'Zhang, M.' 7  ? 
primary 'Wei, Z.'   8  ? 
primary 'Qin, S.'   9  ? 
primary 'Min, J.'   10 ? 
# 
_cell.angle_alpha                  90.000 
_cell.angle_alpha_esd              ? 
_cell.angle_beta                   90.000 
_cell.angle_beta_esd               ? 
_cell.angle_gamma                  90.000 
_cell.angle_gamma_esd              ? 
_cell.entry_id                     7VYW 
_cell.details                      ? 
_cell.formula_units_Z              ? 
_cell.length_a                     26.088 
_cell.length_a_esd                 ? 
_cell.length_b                     28.547 
_cell.length_b_esd                 ? 
_cell.length_c                     70.519 
_cell.length_c_esd                 ? 
_cell.volume                       ? 
_cell.volume_esd                   ? 
_cell.Z_PDB                        4 
_cell.reciprocal_angle_alpha       ? 
_cell.reciprocal_angle_beta        ? 
_cell.reciprocal_angle_gamma       ? 
_cell.reciprocal_angle_alpha_esd   ? 
_cell.reciprocal_angle_beta_esd    ? 
_cell.reciprocal_angle_gamma_esd   ? 
_cell.reciprocal_length_a          ? 
_cell.reciprocal_length_b          ? 
_cell.reciprocal_length_c          ? 
_cell.reciprocal_length_a_esd      ? 
_cell.reciprocal_length_b_esd      ? 
_cell.reciprocal_length_c_esd      ? 
_cell.pdbx_unique_axis             ? 
# 
_symmetry.entry_id                         7VYW 
_symmetry.cell_setting                     ? 
_symmetry.Int_Tables_number                19 
_symmetry.space_group_name_Hall            ? 
_symmetry.space_group_name_H-M             'P 21 21 21' 
_symmetry.pdbx_full_space_group_name_H-M   ? 
# 
loop_
_entity.id 
_entity.type 
_entity.src_method 
_entity.pdbx_description 
_entity.formula_weight 
_entity.pdbx_number_of_molecules 
_entity.pdbx_ec 
_entity.pdbx_mutation 
_entity.pdbx_fragment 
_entity.details 
1 polymer     man 'Chromo domain-containing protein LHP1' 6574.503 1  ? ? ? ? 
2 polymer     syn 'methylated histone H3K9 peptide'       716.827  1  ? ? ? ? 
3 non-polymer nat 'SULFATE ION'                           96.063   3  ? ? ? ? 
4 water       nat water                                   18.015   59 ? ? ? ? 
# 
loop_
_entity_poly.entity_id 
_entity_poly.type 
_entity_poly.nstd_linkage 
_entity_poly.nstd_monomer 
_entity_poly.pdbx_seq_one_letter_code 
_entity_poly.pdbx_seq_one_letter_code_can 
_entity_poly.pdbx_strand_id 
_entity_poly.pdbx_target_identifier 
1 'polypeptide(L)' no no  GGFYEIEAIRRKRVRKGKVQYLIKWRGWPETANTWEPLENLQSIADVIDAFEGSLK 
GGFYEIEAIRRKRVRKGKVQYLIKWRGWPETANTWEPLENLQSIADVIDAFEGSLK A ? 
2 'polypeptide(L)' no yes '(PCA)TAR(M3L)S'                                         QTARKS B ? 
# 
loop_
_entity_poly_seq.entity_id 
_entity_poly_seq.num 
_entity_poly_seq.mon_id 
_entity_poly_seq.hetero 
1 1  GLY n 
1 2  GLY n 
1 3  PHE n 
1 4  TYR n 
1 5  GLU n 
1 6  ILE n 
1 7  GLU n 
1 8  ALA n 
1 9  ILE n 
1 10 ARG n 
1 11 ARG n 
1 12 LYS n 
1 13 ARG n 
1 14 VAL n 
1 15 ARG n 
1 16 LYS n 
1 17 GLY n 
1 18 LYS n 
1 19 VAL n 
1 20 GLN n 
1 21 TYR n 
1 22 LEU n 
1 23 ILE n 
1 24 LYS n 
1 25 TRP n 
1 26 ARG n 
1 27 GLY n 
1 28 TRP n 
1 29 PRO n 
1 30 GLU n 
1 31 THR n 
1 32 ALA n 
1 33 ASN n 
1 34 THR n 
1 35 TRP n 
1 36 GLU n 
1 37 PRO n 
1 38 LEU n 
1 39 GLU n 
1 40 ASN n 
1 41 LEU n 
1 42 GLN n 
1 43 SER n 
1 44 ILE n 
1 45 ALA n 
1 46 ASP n 
1 47 VAL n 
1 48 ILE n 
1 49 ASP n 
1 50 ALA n 
1 51 PHE n 
1 52 GLU n 
1 53 GLY n 
1 54 SER n 
1 55 LEU n 
1 56 LYS n 
2 1  PCA n 
2 2  THR n 
2 3  ALA n 
2 4  ARG n 
2 5  M3L n 
2 6  SER n 
# 
_entity_src_gen.entity_id                          1 
_entity_src_gen.pdbx_src_id                        1 
_entity_src_gen.pdbx_alt_source_flag               sample 
_entity_src_gen.pdbx_seq_type                      'Biological sequence' 
_entity_src_gen.pdbx_beg_seq_num                   1 
_entity_src_gen.pdbx_end_seq_num                   56 
_entity_src_gen.gene_src_common_name               'Mouse-ear cress' 
_entity_src_gen.gene_src_genus                     ? 
_entity_src_gen.pdbx_gene_src_gene                 LHP1 
_entity_src_gen.gene_src_species                   ? 
_entity_src_gen.gene_src_strain                    ? 
_entity_src_gen.gene_src_tissue                    ? 
_entity_src_gen.gene_src_tissue_fraction           ? 
_entity_src_gen.gene_src_details                   ? 
_entity_src_gen.pdbx_gene_src_fragment             ? 
_entity_src_gen.pdbx_gene_src_scientific_name      'Arabidopsis thaliana' 
_entity_src_gen.pdbx_gene_src_ncbi_taxonomy_id     3702 
_entity_src_gen.pdbx_gene_src_variant              ? 
_entity_src_gen.pdbx_gene_src_cell_line            ? 
_entity_src_gen.pdbx_gene_src_atcc                 ? 
_entity_src_gen.pdbx_gene_src_organ                ? 
_entity_src_gen.pdbx_gene_src_organelle            ? 
_entity_src_gen.pdbx_gene_src_cell                 ? 
_entity_src_gen.pdbx_gene_src_cellular_location    ? 
_entity_src_gen.host_org_common_name               ? 
_entity_src_gen.pdbx_host_org_scientific_name      'Escherichia coli BL21(DE3)' 
_entity_src_gen.pdbx_host_org_ncbi_taxonomy_id     469008 
_entity_src_gen.host_org_genus                     ? 
_entity_src_gen.pdbx_host_org_gene                 ? 
_entity_src_gen.pdbx_host_org_organ                ? 
_entity_src_gen.host_org_species                   ? 
_entity_src_gen.pdbx_host_org_tissue               ? 
_entity_src_gen.pdbx_host_org_tissue_fraction      ? 
_entity_src_gen.pdbx_host_org_strain               'BL21(DE3)' 
_entity_src_gen.pdbx_host_org_variant              ? 
_entity_src_gen.pdbx_host_org_cell_line            ? 
_entity_src_gen.pdbx_host_org_atcc                 ? 
_entity_src_gen.pdbx_host_org_culture_collection   ? 
_entity_src_gen.pdbx_host_org_cell                 ? 
_entity_src_gen.pdbx_host_org_organelle            ? 
_entity_src_gen.pdbx_host_org_cellular_location    ? 
_entity_src_gen.pdbx_host_org_vector_type          ? 
_entity_src_gen.pdbx_host_org_vector               ? 
_entity_src_gen.host_org_details                   ? 
_entity_src_gen.expression_system_id               ? 
_entity_src_gen.plasmid_name                       ? 
_entity_src_gen.plasmid_details                    ? 
_entity_src_gen.pdbx_description                   ? 
# 
_pdbx_entity_src_syn.entity_id              2 
_pdbx_entity_src_syn.pdbx_src_id            1 
_pdbx_entity_src_syn.pdbx_alt_source_flag   sample 
_pdbx_entity_src_syn.pdbx_beg_seq_num       1 
_pdbx_entity_src_syn.pdbx_end_seq_num       6 
_pdbx_entity_src_syn.organism_scientific    'Arabidopsis thaliana' 
_pdbx_entity_src_syn.organism_common_name   ? 
_pdbx_entity_src_syn.ncbi_taxonomy_id       3702 
_pdbx_entity_src_syn.details                ? 
# 
loop_
_struct_ref.id 
_struct_ref.db_name 
_struct_ref.db_code 
_struct_ref.pdbx_db_accession 
_struct_ref.pdbx_db_isoform 
_struct_ref.entity_id 
_struct_ref.pdbx_seq_one_letter_code 
_struct_ref.pdbx_align_begin 
1 UNP LHP1_ARATH Q946J8 ? 1 GFYEIEAIRRKRVRKGKVQYLIKWRGWPETANTWEPLENLQSIADVIDAFEGSLK 106 
2 PDB 7VYW       7VYW   ? 2 ?                                                       1   
# 
loop_
_struct_ref_seq.align_id 
_struct_ref_seq.ref_id 
_struct_ref_seq.pdbx_PDB_id_code 
_struct_ref_seq.pdbx_strand_id 
_struct_ref_seq.seq_align_beg 
_struct_ref_seq.pdbx_seq_align_beg_ins_code 
_struct_ref_seq.seq_align_end 
_struct_ref_seq.pdbx_seq_align_end_ins_code 
_struct_ref_seq.pdbx_db_accession 
_struct_ref_seq.db_align_beg 
_struct_ref_seq.pdbx_db_align_beg_ins_code 
_struct_ref_seq.db_align_end 
_struct_ref_seq.pdbx_db_align_end_ins_code 
_struct_ref_seq.pdbx_auth_seq_align_beg 
_struct_ref_seq.pdbx_auth_seq_align_end 
1 1 7VYW A 2 ? 56 ? Q946J8 106 ? 160 ? 106 160 
2 2 7VYW B 1 ? 6  ? 7VYW   5   ? 10  ? 5   10  
# 
_struct_ref_seq_dif.align_id                     1 
_struct_ref_seq_dif.pdbx_pdb_id_code             7VYW 
_struct_ref_seq_dif.mon_id                       GLY 
_struct_ref_seq_dif.pdbx_pdb_strand_id           A 
_struct_ref_seq_dif.seq_num                      1 
_struct_ref_seq_dif.pdbx_pdb_ins_code            ? 
_struct_ref_seq_dif.pdbx_seq_db_name             UNP 
_struct_ref_seq_dif.pdbx_seq_db_accession_code   Q946J8 
_struct_ref_seq_dif.db_mon_id                    ? 
_struct_ref_seq_dif.pdbx_seq_db_seq_num          ? 
_struct_ref_seq_dif.details                      'expression tag' 
_struct_ref_seq_dif.pdbx_auth_seq_num            105 
_struct_ref_seq_dif.pdbx_ordinal                 1 
# 
loop_
_chem_comp.id 
_chem_comp.type 
_chem_comp.mon_nstd_flag 
_chem_comp.name 
_chem_comp.pdbx_synonyms 
_chem_comp.formula 
_chem_comp.formula_weight 
ALA 'L-peptide linking' y ALANINE             ? 'C3 H7 N O2'     89.093  
ARG 'L-peptide linking' y ARGININE            ? 'C6 H15 N4 O2 1' 175.209 
ASN 'L-peptide linking' y ASPARAGINE          ? 'C4 H8 N2 O3'    132.118 
ASP 'L-peptide linking' y 'ASPARTIC ACID'     ? 'C4 H7 N O4'     133.103 
GLN 'L-peptide linking' y GLUTAMINE           ? 'C5 H10 N2 O3'   146.144 
GLU 'L-peptide linking' y 'GLUTAMIC ACID'     ? 'C5 H9 N O4'     147.129 
GLY 'peptide linking'   y GLYCINE             ? 'C2 H5 N O2'     75.067  
HOH non-polymer         . WATER               ? 'H2 O'           18.015  
ILE 'L-peptide linking' y ISOLEUCINE          ? 'C6 H13 N O2'    131.173 
LEU 'L-peptide linking' y LEUCINE             ? 'C6 H13 N O2'    131.173 
LYS 'L-peptide linking' y LYSINE              ? 'C6 H15 N2 O2 1' 147.195 
M3L 'L-peptide linking' n N-TRIMETHYLLYSINE   ? 'C9 H21 N2 O2 1' 189.275 
PCA 'L-peptide linking' n 'PYROGLUTAMIC ACID' ? 'C5 H7 N O3'     129.114 
PHE 'L-peptide linking' y PHENYLALANINE       ? 'C9 H11 N O2'    165.189 
PRO 'L-peptide linking' y PROLINE             ? 'C5 H9 N O2'     115.130 
SER 'L-peptide linking' y SERINE              ? 'C3 H7 N O3'     105.093 
SO4 non-polymer         . 'SULFATE ION'       ? 'O4 S -2'        96.063  
THR 'L-peptide linking' y THREONINE           ? 'C4 H9 N O3'     119.119 
TRP 'L-peptide linking' y TRYPTOPHAN          ? 'C11 H12 N2 O2'  204.225 
TYR 'L-peptide linking' y TYROSINE            ? 'C9 H11 N O3'    181.189 
VAL 'L-peptide linking' y VALINE              ? 'C5 H11 N O2'    117.146 
# 
_exptl.absorpt_coefficient_mu     ? 
_exptl.absorpt_correction_T_max   ? 
_exptl.absorpt_correction_T_min   ? 
_exptl.absorpt_correction_type    ? 
_exptl.absorpt_process_details    ? 
_exptl.entry_id                   7VYW 
_exptl.crystals_number            1 
_exptl.details                    ? 
_exptl.method                     'X-RAY DIFFRACTION' 
_exptl.method_details             ? 
# 
_exptl_crystal.colour                      ? 
_exptl_crystal.density_diffrn              ? 
_exptl_crystal.density_Matthews            1.75 
_exptl_crystal.density_method              ? 
_exptl_crystal.density_percent_sol         29.66 
_exptl_crystal.description                 ? 
_exptl_crystal.F_000                       ? 
_exptl_crystal.id                          1 
_exptl_crystal.preparation                 ? 
_exptl_crystal.size_max                    ? 
_exptl_crystal.size_mid                    ? 
_exptl_crystal.size_min                    ? 
_exptl_crystal.size_rad                    ? 
_exptl_crystal.colour_lustre               ? 
_exptl_crystal.colour_modifier             ? 
_exptl_crystal.colour_primary              ? 
_exptl_crystal.density_meas                ? 
_exptl_crystal.density_meas_esd            ? 
_exptl_crystal.density_meas_gt             ? 
_exptl_crystal.density_meas_lt             ? 
_exptl_crystal.density_meas_temp           ? 
_exptl_crystal.density_meas_temp_esd       ? 
_exptl_crystal.density_meas_temp_gt        ? 
_exptl_crystal.density_meas_temp_lt        ? 
_exptl_crystal.pdbx_crystal_image_url      ? 
_exptl_crystal.pdbx_crystal_image_format   ? 
_exptl_crystal.pdbx_mosaicity              ? 
_exptl_crystal.pdbx_mosaicity_esd          ? 
# 
_exptl_crystal_grow.apparatus       ? 
_exptl_crystal_grow.atmosphere      ? 
_exptl_crystal_grow.crystal_id      1 
_exptl_crystal_grow.details         ? 
_exptl_crystal_grow.method          'VAPOR DIFFUSION, SITTING DROP' 
_exptl_crystal_grow.method_ref      ? 
_exptl_crystal_grow.pH              ? 
_exptl_crystal_grow.pressure        ? 
_exptl_crystal_grow.pressure_esd    ? 
_exptl_crystal_grow.seeding         ? 
_exptl_crystal_grow.seeding_ref     ? 
_exptl_crystal_grow.temp            293 
_exptl_crystal_grow.temp_details    ? 
_exptl_crystal_grow.temp_esd        ? 
_exptl_crystal_grow.time            ? 
_exptl_crystal_grow.pdbx_details    '0.1 M Hepes, pH 7.5, 2.0 M Ammonium sulfate' 
_exptl_crystal_grow.pdbx_pH_range   ? 
# 
_diffrn.ambient_environment              ? 
_diffrn.ambient_temp                     100 
_diffrn.ambient_temp_details             ? 
_diffrn.ambient_temp_esd                 ? 
_diffrn.crystal_id                       1 
_diffrn.crystal_support                  ? 
_diffrn.crystal_treatment                ? 
_diffrn.details                          ? 
_diffrn.id                               1 
_diffrn.ambient_pressure                 ? 
_diffrn.ambient_pressure_esd             ? 
_diffrn.ambient_pressure_gt              ? 
_diffrn.ambient_pressure_lt              ? 
_diffrn.ambient_temp_gt                  ? 
_diffrn.ambient_temp_lt                  ? 
_diffrn.pdbx_serial_crystal_experiment   N 
# 
_diffrn_detector.details                      ? 
_diffrn_detector.detector                     CCD 
_diffrn_detector.diffrn_id                    1 
_diffrn_detector.type                         'ADSC QUANTUM 315r' 
_diffrn_detector.area_resol_mean              ? 
_diffrn_detector.dtime                        ? 
_diffrn_detector.pdbx_frames_total            ? 
_diffrn_detector.pdbx_collection_time_total   ? 
_diffrn_detector.pdbx_collection_date         2019-03-03 
_diffrn_detector.pdbx_frequency               ? 
# 
_diffrn_radiation.collimation                      ? 
_diffrn_radiation.diffrn_id                        1 
_diffrn_radiation.filter_edge                      ? 
_diffrn_radiation.inhomogeneity                    ? 
_diffrn_radiation.monochromator                    ? 
_diffrn_radiation.polarisn_norm                    ? 
_diffrn_radiation.polarisn_ratio                   ? 
_diffrn_radiation.probe                            ? 
_diffrn_radiation.type                             ? 
_diffrn_radiation.xray_symbol                      ? 
_diffrn_radiation.wavelength_id                    1 
_diffrn_radiation.pdbx_monochromatic_or_laue_m_l   M 
_diffrn_radiation.pdbx_wavelength_list             ? 
_diffrn_radiation.pdbx_wavelength                  ? 
_diffrn_radiation.pdbx_diffrn_protocol             'SINGLE WAVELENGTH' 
_diffrn_radiation.pdbx_analyzer                    ? 
_diffrn_radiation.pdbx_scattering_type             x-ray 
# 
_diffrn_radiation_wavelength.id           1 
_diffrn_radiation_wavelength.wavelength   1.5418 
_diffrn_radiation_wavelength.wt           1.0 
# 
_diffrn_source.current                     ? 
_diffrn_source.details                     ? 
_diffrn_source.diffrn_id                   1 
_diffrn_source.power                       ? 
_diffrn_source.size                        ? 
_diffrn_source.source                      SYNCHROTRON 
_diffrn_source.target                      ? 
_diffrn_source.type                        'SSRF BEAMLINE BL17U1' 
_diffrn_source.voltage                     ? 
_diffrn_source.take-off_angle              ? 
_diffrn_source.pdbx_wavelength_list        1.5418 
_diffrn_source.pdbx_wavelength             ? 
_diffrn_source.pdbx_synchrotron_beamline   BL17U1 
_diffrn_source.pdbx_synchrotron_site       SSRF 
# 
_reflns.B_iso_Wilson_estimate                          10.570 
_reflns.entry_id                                       7VYW 
_reflns.data_reduction_details                         ? 
_reflns.data_reduction_method                          ? 
_reflns.d_resolution_high                              1.60 
_reflns.d_resolution_low                               35.26 
_reflns.details                                        ? 
_reflns.limit_h_max                                    ? 
_reflns.limit_h_min                                    ? 
_reflns.limit_k_max                                    ? 
_reflns.limit_k_min                                    ? 
_reflns.limit_l_max                                    ? 
_reflns.limit_l_min                                    ? 
_reflns.number_all                                     ? 
_reflns.number_obs                                     6673 
_reflns.observed_criterion                             ? 
_reflns.observed_criterion_F_max                       ? 
_reflns.observed_criterion_F_min                       ? 
_reflns.observed_criterion_I_max                       ? 
_reflns.observed_criterion_I_min                       ? 
_reflns.observed_criterion_sigma_F                     ? 
_reflns.observed_criterion_sigma_I                     ? 
_reflns.percent_possible_obs                           90.29 
_reflns.R_free_details                                 ? 
_reflns.Rmerge_F_all                                   ? 
_reflns.Rmerge_F_obs                                   ? 
_reflns.Friedel_coverage                               ? 
_reflns.number_gt                                      ? 
_reflns.threshold_expression                           ? 
_reflns.pdbx_redundancy                                4.6 
_reflns.pdbx_Rmerge_I_obs                              ? 
_reflns.pdbx_Rmerge_I_all                              ? 
_reflns.pdbx_Rsym_value                                ? 
_reflns.pdbx_netI_over_av_sigmaI                       ? 
_reflns.pdbx_netI_over_sigmaI                          23.2 
_reflns.pdbx_res_netI_over_av_sigmaI_2                 ? 
_reflns.pdbx_res_netI_over_sigmaI_2                    ? 
_reflns.pdbx_chi_squared                               ? 
_reflns.pdbx_scaling_rejects                           ? 
_reflns.pdbx_d_res_high_opt                            ? 
_reflns.pdbx_d_res_low_opt                             ? 
_reflns.pdbx_d_res_opt_method                          ? 
_reflns.phase_calculation_details                      ? 
_reflns.pdbx_Rrim_I_all                                ? 
_reflns.pdbx_Rpim_I_all                                ? 
_reflns.pdbx_d_opt                                     ? 
_reflns.pdbx_number_measured_all                       ? 
_reflns.pdbx_diffrn_id                                 1 
_reflns.pdbx_ordinal                                   1 
_reflns.pdbx_CC_half                                   0.982 
_reflns.pdbx_CC_star                                   ? 
_reflns.pdbx_R_split                                   ? 
_reflns.pdbx_aniso_diffraction_limit_axis_1_ortho[1]   ? 
_reflns.pdbx_aniso_diffraction_limit_axis_1_ortho[2]   ? 
_reflns.pdbx_aniso_diffraction_limit_axis_1_ortho[3]   ? 
_reflns.pdbx_aniso_diffraction_limit_axis_2_ortho[1]   ? 
_reflns.pdbx_aniso_diffraction_limit_axis_2_ortho[2]   ? 
_reflns.pdbx_aniso_diffraction_limit_axis_2_ortho[3]   ? 
_reflns.pdbx_aniso_diffraction_limit_axis_3_ortho[1]   ? 
_reflns.pdbx_aniso_diffraction_limit_axis_3_ortho[2]   ? 
_reflns.pdbx_aniso_diffraction_limit_axis_3_ortho[3]   ? 
_reflns.pdbx_aniso_diffraction_limit_1                 ? 
_reflns.pdbx_aniso_diffraction_limit_2                 ? 
_reflns.pdbx_aniso_diffraction_limit_3                 ? 
_reflns.pdbx_aniso_B_tensor_eigenvector_1_ortho[1]     ? 
_reflns.pdbx_aniso_B_tensor_eigenvector_1_ortho[2]     ? 
_reflns.pdbx_aniso_B_tensor_eigenvector_1_ortho[3]     ? 
_reflns.pdbx_aniso_B_tensor_eigenvector_2_ortho[1]     ? 
_reflns.pdbx_aniso_B_tensor_eigenvector_2_ortho[2]     ? 
_reflns.pdbx_aniso_B_tensor_eigenvector_2_ortho[3]     ? 
_reflns.pdbx_aniso_B_tensor_eigenvector_3_ortho[1]     ? 
_reflns.pdbx_aniso_B_tensor_eigenvector_3_ortho[2]     ? 
_reflns.pdbx_aniso_B_tensor_eigenvector_3_ortho[3]     ? 
_reflns.pdbx_aniso_B_tensor_eigenvalue_1               ? 
_reflns.pdbx_aniso_B_tensor_eigenvalue_2               ? 
_reflns.pdbx_aniso_B_tensor_eigenvalue_3               ? 
_reflns.pdbx_orthogonalization_convention              ? 
_reflns.pdbx_percent_possible_ellipsoidal              ? 
_reflns.pdbx_percent_possible_spherical                ? 
_reflns.pdbx_percent_possible_ellipsoidal_anomalous    ? 
_reflns.pdbx_percent_possible_spherical_anomalous      ? 
_reflns.pdbx_redundancy_anomalous                      ? 
_reflns.pdbx_CC_half_anomalous                         ? 
_reflns.pdbx_absDiff_over_sigma_anomalous              ? 
_reflns.pdbx_percent_possible_anomalous                ? 
_reflns.pdbx_observed_signal_threshold                 ? 
_reflns.pdbx_signal_type                               ? 
_reflns.pdbx_signal_details                            ? 
_reflns.pdbx_signal_software_id                        ? 
# 
_reflns_shell.d_res_high                                    1.60 
_reflns_shell.d_res_low                                     1.66 
_reflns_shell.meanI_over_sigI_all                           ? 
_reflns_shell.meanI_over_sigI_obs                           ? 
_reflns_shell.number_measured_all                           ? 
_reflns_shell.number_measured_obs                           ? 
_reflns_shell.number_possible                               ? 
_reflns_shell.number_unique_all                             ? 
_reflns_shell.number_unique_obs                             294 
_reflns_shell.percent_possible_all                          ? 
_reflns_shell.percent_possible_obs                          ? 
_reflns_shell.Rmerge_F_all                                  ? 
_reflns_shell.Rmerge_F_obs                                  ? 
_reflns_shell.Rmerge_I_all                                  ? 
_reflns_shell.Rmerge_I_obs                                  ? 
_reflns_shell.meanI_over_sigI_gt                            ? 
_reflns_shell.meanI_over_uI_all                             ? 
_reflns_shell.meanI_over_uI_gt                              ? 
_reflns_shell.number_measured_gt                            ? 
_reflns_shell.number_unique_gt                              ? 
_reflns_shell.percent_possible_gt                           ? 
_reflns_shell.Rmerge_F_gt                                   ? 
_reflns_shell.Rmerge_I_gt                                   ? 
_reflns_shell.pdbx_redundancy                               ? 
_reflns_shell.pdbx_Rsym_value                               ? 
_reflns_shell.pdbx_chi_squared                              ? 
_reflns_shell.pdbx_netI_over_sigmaI_all                     ? 
_reflns_shell.pdbx_netI_over_sigmaI_obs                     ? 
_reflns_shell.pdbx_Rrim_I_all                               ? 
_reflns_shell.pdbx_Rpim_I_all                               ? 
_reflns_shell.pdbx_rejects                                  ? 
_reflns_shell.pdbx_ordinal                                  1 
_reflns_shell.pdbx_diffrn_id                                1 
_reflns_shell.pdbx_CC_half                                  0.968 
_reflns_shell.pdbx_CC_star                                  ? 
_reflns_shell.pdbx_R_split                                  ? 
_reflns_shell.pdbx_percent_possible_ellipsoidal             ? 
_reflns_shell.pdbx_percent_possible_spherical               ? 
_reflns_shell.pdbx_percent_possible_ellipsoidal_anomalous   ? 
_reflns_shell.pdbx_percent_possible_spherical_anomalous     ? 
_reflns_shell.pdbx_redundancy_anomalous                     ? 
_reflns_shell.pdbx_CC_half_anomalous                        ? 
_reflns_shell.pdbx_absDiff_over_sigma_anomalous             ? 
_reflns_shell.pdbx_percent_possible_anomalous               ? 
# 
_refine.aniso_B[1][1]                            ? 
_refine.aniso_B[1][2]                            ? 
_refine.aniso_B[1][3]                            ? 
_refine.aniso_B[2][2]                            ? 
_refine.aniso_B[2][3]                            ? 
_refine.aniso_B[3][3]                            ? 
_refine.B_iso_max                                48.200 
_refine.B_iso_mean                               9.8733 
_refine.B_iso_min                                1.800 
_refine.correlation_coeff_Fo_to_Fc               ? 
_refine.correlation_coeff_Fo_to_Fc_free          ? 
_refine.details                                  ? 
_refine.diff_density_max                         ? 
_refine.diff_density_max_esd                     ? 
_refine.diff_density_min                         ? 
_refine.diff_density_min_esd                     ? 
_refine.diff_density_rms                         ? 
_refine.diff_density_rms_esd                     ? 
_refine.entry_id                                 7VYW 
_refine.pdbx_refine_id                           'X-RAY DIFFRACTION' 
_refine.ls_abs_structure_details                 ? 
_refine.ls_abs_structure_Flack                   ? 
_refine.ls_abs_structure_Flack_esd               ? 
_refine.ls_abs_structure_Rogers                  ? 
_refine.ls_abs_structure_Rogers_esd              ? 
_refine.ls_d_res_high                            1.6000 
_refine.ls_d_res_low                             35.2600 
_refine.ls_extinction_coef                       ? 
_refine.ls_extinction_coef_esd                   ? 
_refine.ls_extinction_expression                 ? 
_refine.ls_extinction_method                     ? 
_refine.ls_goodness_of_fit_all                   ? 
_refine.ls_goodness_of_fit_all_esd               ? 
_refine.ls_goodness_of_fit_obs                   ? 
_refine.ls_goodness_of_fit_obs_esd               ? 
_refine.ls_hydrogen_treatment                    ? 
_refine.ls_matrix_type                           ? 
_refine.ls_number_constraints                    ? 
_refine.ls_number_parameters                     ? 
_refine.ls_number_reflns_all                     ? 
_refine.ls_number_reflns_obs                     6673 
_refine.ls_number_reflns_R_free                  335 
_refine.ls_number_reflns_R_work                  6338 
_refine.ls_number_restraints                     ? 
_refine.ls_percent_reflns_obs                    90.2900 
_refine.ls_percent_reflns_R_free                 5.0200 
_refine.ls_R_factor_all                          ? 
_refine.ls_R_factor_obs                          0.1843 
_refine.ls_R_factor_R_free                       0.2305 
_refine.ls_R_factor_R_free_error                 ? 
_refine.ls_R_factor_R_free_error_details         ? 
_refine.ls_R_factor_R_work                       0.1820 
_refine.ls_R_Fsqd_factor_obs                     ? 
_refine.ls_R_I_factor_obs                        ? 
_refine.ls_redundancy_reflns_all                 ? 
_refine.ls_redundancy_reflns_obs                 ? 
_refine.ls_restrained_S_all                      ? 
_refine.ls_restrained_S_obs                      ? 
_refine.ls_shift_over_esd_max                    ? 
_refine.ls_shift_over_esd_mean                   ? 
_refine.ls_structure_factor_coef                 ? 
_refine.ls_weighting_details                     ? 
_refine.ls_weighting_scheme                      ? 
_refine.ls_wR_factor_all                         ? 
_refine.ls_wR_factor_obs                         ? 
_refine.ls_wR_factor_R_free                      ? 
_refine.ls_wR_factor_R_work                      ? 
_refine.occupancy_max                            ? 
_refine.occupancy_min                            ? 
_refine.solvent_model_details                    'FLAT BULK SOLVENT MODEL' 
_refine.solvent_model_param_bsol                 ? 
_refine.solvent_model_param_ksol                 ? 
_refine.pdbx_R_complete                          ? 
_refine.ls_R_factor_gt                           ? 
_refine.ls_goodness_of_fit_gt                    ? 
_refine.ls_goodness_of_fit_ref                   ? 
_refine.ls_shift_over_su_max                     ? 
_refine.ls_shift_over_su_max_lt                  ? 
_refine.ls_shift_over_su_mean                    ? 
_refine.ls_shift_over_su_mean_lt                 ? 
_refine.pdbx_ls_sigma_I                          ? 
_refine.pdbx_ls_sigma_F                          1.520 
_refine.pdbx_ls_sigma_Fsqd                       ? 
_refine.pdbx_data_cutoff_high_absF               ? 
_refine.pdbx_data_cutoff_high_rms_absF           ? 
_refine.pdbx_data_cutoff_low_absF                ? 
_refine.pdbx_isotropic_thermal_model             ? 
_refine.pdbx_ls_cross_valid_method               THROUGHOUT 
_refine.pdbx_method_to_determine_struct          'MOLECULAR REPLACEMENT' 
_refine.pdbx_starting_model                      1Q3L 
_refine.pdbx_stereochemistry_target_values       ML 
_refine.pdbx_R_Free_selection_details            ? 
_refine.pdbx_stereochem_target_val_spec_case     ? 
_refine.pdbx_overall_ESU_R                       ? 
_refine.pdbx_overall_ESU_R_Free                  ? 
_refine.pdbx_solvent_vdw_probe_radii             1.1100 
_refine.pdbx_solvent_ion_probe_radii             ? 
_refine.pdbx_solvent_shrinkage_radii             0.9000 
_refine.pdbx_real_space_R                        ? 
_refine.pdbx_density_correlation                 ? 
_refine.pdbx_pd_number_of_powder_patterns        ? 
_refine.pdbx_pd_number_of_points                 ? 
_refine.pdbx_pd_meas_number_of_points            ? 
_refine.pdbx_pd_proc_ls_prof_R_factor            ? 
_refine.pdbx_pd_proc_ls_prof_wR_factor           ? 
_refine.pdbx_pd_Marquardt_correlation_coeff      ? 
_refine.pdbx_pd_Fsqrd_R_factor                   ? 
_refine.pdbx_pd_ls_matrix_band_width             ? 
_refine.pdbx_overall_phase_error                 21.1700 
_refine.pdbx_overall_SU_R_free_Cruickshank_DPI   ? 
_refine.pdbx_overall_SU_R_free_Blow_DPI          ? 
_refine.pdbx_overall_SU_R_Blow_DPI               ? 
_refine.pdbx_TLS_residual_ADP_flag               ? 
_refine.pdbx_diffrn_id                           1 
_refine.overall_SU_B                             ? 
_refine.overall_SU_ML                            0.1500 
_refine.overall_SU_R_Cruickshank_DPI             ? 
_refine.overall_SU_R_free                        ? 
_refine.overall_FOM_free_R_set                   ? 
_refine.overall_FOM_work_R_set                   ? 
_refine.pdbx_average_fsc_overall                 ? 
_refine.pdbx_average_fsc_work                    ? 
_refine.pdbx_average_fsc_free                    ? 
# 
_refine_hist.pdbx_refine_id                   'X-RAY DIFFRACTION' 
_refine_hist.cycle_id                         final 
_refine_hist.details                          ? 
_refine_hist.d_res_high                       1.6000 
_refine_hist.d_res_low                        35.2600 
_refine_hist.number_atoms_solvent             59 
_refine_hist.number_atoms_total               511 
_refine_hist.number_reflns_all                ? 
_refine_hist.number_reflns_obs                ? 
_refine_hist.number_reflns_R_free             ? 
_refine_hist.number_reflns_R_work             ? 
_refine_hist.R_factor_all                     ? 
_refine_hist.R_factor_obs                     ? 
_refine_hist.R_factor_R_free                  ? 
_refine_hist.R_factor_R_work                  ? 
_refine_hist.pdbx_number_residues_total       53 
_refine_hist.pdbx_B_iso_mean_ligand           22.06 
_refine_hist.pdbx_B_iso_mean_solvent          19.04 
_refine_hist.pdbx_number_atoms_protein        437 
_refine_hist.pdbx_number_atoms_nucleic_acid   0 
_refine_hist.pdbx_number_atoms_ligand         15 
_refine_hist.pdbx_number_atoms_lipid          ? 
_refine_hist.pdbx_number_atoms_carb           ? 
_refine_hist.pdbx_pseudo_atom_details         ? 
# 
loop_
_refine_ls_shell.pdbx_refine_id 
_refine_ls_shell.d_res_high 
_refine_ls_shell.d_res_low 
_refine_ls_shell.number_reflns_all 
_refine_ls_shell.number_reflns_obs 
_refine_ls_shell.number_reflns_R_free 
_refine_ls_shell.number_reflns_R_work 
_refine_ls_shell.percent_reflns_obs 
_refine_ls_shell.percent_reflns_R_free 
_refine_ls_shell.R_factor_all 
_refine_ls_shell.R_factor_obs 
_refine_ls_shell.R_factor_R_free 
_refine_ls_shell.R_factor_R_free_error 
_refine_ls_shell.R_factor_R_work 
_refine_ls_shell.redundancy_reflns_all 
_refine_ls_shell.redundancy_reflns_obs 
_refine_ls_shell.wR_factor_all 
_refine_ls_shell.wR_factor_obs 
_refine_ls_shell.wR_factor_R_free 
_refine_ls_shell.wR_factor_R_work 
_refine_ls_shell.pdbx_R_complete 
_refine_ls_shell.pdbx_total_number_of_bins_used 
_refine_ls_shell.pdbx_phase_error 
_refine_ls_shell.pdbx_fsc_work 
_refine_ls_shell.pdbx_fsc_free 
'X-RAY DIFFRACTION' 1.6000 1.63    3211 . 167 3044 89.0000 . . . 0.2455 0.0000 0.1811 . . . . . . . 2 . . . 
'X-RAY DIFFRACTION' 2.0200 35.2600 3462 . 168 3294 92.0000 . . . 0.2242 0.0000 0.1824 . . . . . . . 2 . . . 
# 
_struct.entry_id                     7VYW 
_struct.title                        
'Crystal structure of the chromodomain of Arabidopsis LHP1 in complex with methylated histone H3K9 peptide' 
_struct.pdbx_model_details           ? 
_struct.pdbx_formula_weight          ? 
_struct.pdbx_formula_weight_method   ? 
_struct.pdbx_model_type_details      ? 
_struct.pdbx_CASP_flag               N 
# 
_struct_keywords.entry_id        7VYW 
_struct_keywords.text            TRANSCRIPTION 
_struct_keywords.pdbx_keywords   TRANSCRIPTION 
# 
loop_
_struct_asym.id 
_struct_asym.pdbx_blank_PDB_chainid_flag 
_struct_asym.pdbx_modified 
_struct_asym.entity_id 
_struct_asym.details 
A N N 1 ? 
B N N 2 ? 
C N N 3 ? 
D N N 3 ? 
E N N 3 ? 
F N N 4 ? 
G N N 4 ? 
# 
loop_
_struct_conf.conf_type_id 
_struct_conf.id 
_struct_conf.pdbx_PDB_helix_id 
_struct_conf.beg_label_comp_id 
_struct_conf.beg_label_asym_id 
_struct_conf.beg_label_seq_id 
_struct_conf.pdbx_beg_PDB_ins_code 
_struct_conf.end_label_comp_id 
_struct_conf.end_label_asym_id 
_struct_conf.end_label_seq_id 
_struct_conf.pdbx_end_PDB_ins_code 
_struct_conf.beg_auth_comp_id 
_struct_conf.beg_auth_asym_id 
_struct_conf.beg_auth_seq_id 
_struct_conf.end_auth_comp_id 
_struct_conf.end_auth_asym_id 
_struct_conf.end_auth_seq_id 
_struct_conf.pdbx_PDB_helix_class 
_struct_conf.details 
_struct_conf.pdbx_PDB_helix_length 
HELX_P HELX_P1 AA1 PRO A 29 ? ASN A 33 ? PRO A 133 ASN A 137 5 ? 5 
HELX_P HELX_P2 AA2 LEU A 38 ? SER A 43 ? LEU A 142 SER A 147 1 ? 6 
# 
_struct_conf_type.id          HELX_P 
_struct_conf_type.criteria    ? 
_struct_conf_type.reference   ? 
# 
loop_
_struct_conn.id 
_struct_conn.conn_type_id 
_struct_conn.pdbx_leaving_atom_flag 
_struct_conn.pdbx_PDB_id 
_struct_conn.ptnr1_label_asym_id 
_struct_conn.ptnr1_label_comp_id 
_struct_conn.ptnr1_label_seq_id 
_struct_conn.ptnr1_label_atom_id 
_struct_conn.pdbx_ptnr1_label_alt_id 
_struct_conn.pdbx_ptnr1_PDB_ins_code 
_struct_conn.pdbx_ptnr1_standard_comp_id 
_struct_conn.ptnr1_symmetry 
_struct_conn.ptnr2_label_asym_id 
_struct_conn.ptnr2_label_comp_id 
_struct_conn.ptnr2_label_seq_id 
_struct_conn.ptnr2_label_atom_id 
_struct_conn.pdbx_ptnr2_label_alt_id 
_struct_conn.pdbx_ptnr2_PDB_ins_code 
_struct_conn.ptnr1_auth_asym_id 
_struct_conn.ptnr1_auth_comp_id 
_struct_conn.ptnr1_auth_seq_id 
_struct_conn.ptnr2_auth_asym_id 
_struct_conn.ptnr2_auth_comp_id 
_struct_conn.ptnr2_auth_seq_id 
_struct_conn.ptnr2_symmetry 
_struct_conn.pdbx_ptnr3_label_atom_id 
_struct_conn.pdbx_ptnr3_label_seq_id 
_struct_conn.pdbx_ptnr3_label_comp_id 
_struct_conn.pdbx_ptnr3_label_asym_id 
_struct_conn.pdbx_ptnr3_label_alt_id 
_struct_conn.pdbx_ptnr3_PDB_ins_code 
_struct_conn.details 
_struct_conn.pdbx_dist_value 
_struct_conn.pdbx_value_order 
_struct_conn.pdbx_role 
covale1 covale both ? B PCA 1 C ? ? ? 1_555 B THR 2 N ? ? B PCA 5 B THR 6  1_555 ? ? ? ? ? ? ? 1.325 ? ? 
covale2 covale both ? B ARG 4 C ? ? ? 1_555 B M3L 5 N ? ? B ARG 8 B M3L 9  1_555 ? ? ? ? ? ? ? 1.323 ? ? 
covale3 covale both ? B M3L 5 C ? ? ? 1_555 B SER 6 N ? ? B M3L 9 B SER 10 1_555 ? ? ? ? ? ? ? 1.332 ? ? 
# 
_struct_conn_type.id          covale 
_struct_conn_type.criteria    ? 
_struct_conn_type.reference   ? 
# 
_struct_sheet.id               AA1 
_struct_sheet.type             ? 
_struct_sheet.number_strands   4 
_struct_sheet.details          ? 
# 
loop_
_struct_sheet_order.sheet_id 
_struct_sheet_order.range_id_1 
_struct_sheet_order.range_id_2 
_struct_sheet_order.offset 
_struct_sheet_order.sense 
AA1 1 2 ? anti-parallel 
AA1 2 3 ? anti-parallel 
AA1 3 4 ? anti-parallel 
# 
loop_
_struct_sheet_range.sheet_id 
_struct_sheet_range.id 
_struct_sheet_range.beg_label_comp_id 
_struct_sheet_range.beg_label_asym_id 
_struct_sheet_range.beg_label_seq_id 
_struct_sheet_range.pdbx_beg_PDB_ins_code 
_struct_sheet_range.end_label_comp_id 
_struct_sheet_range.end_label_asym_id 
_struct_sheet_range.end_label_seq_id 
_struct_sheet_range.pdbx_end_PDB_ins_code 
_struct_sheet_range.beg_auth_comp_id 
_struct_sheet_range.beg_auth_asym_id 
_struct_sheet_range.beg_auth_seq_id 
_struct_sheet_range.end_auth_comp_id 
_struct_sheet_range.end_auth_asym_id 
_struct_sheet_range.end_auth_seq_id 
AA1 1 THR A 34 ? PRO A 37 ? THR A 138 PRO A 141 
AA1 2 LYS A 18 ? TRP A 25 ? LYS A 122 TRP A 129 
AA1 3 PHE A 3  ? ARG A 15 ? PHE A 107 ARG A 119 
AA1 4 THR B 2  ? ARG B 4  ? THR B 6   ARG B 8   
# 
loop_
_pdbx_struct_sheet_hbond.sheet_id 
_pdbx_struct_sheet_hbond.range_id_1 
_pdbx_struct_sheet_hbond.range_id_2 
_pdbx_struct_sheet_hbond.range_1_label_atom_id 
_pdbx_struct_sheet_hbond.range_1_label_comp_id 
_pdbx_struct_sheet_hbond.range_1_label_asym_id 
_pdbx_struct_sheet_hbond.range_1_label_seq_id 
_pdbx_struct_sheet_hbond.range_1_PDB_ins_code 
_pdbx_struct_sheet_hbond.range_1_auth_atom_id 
_pdbx_struct_sheet_hbond.range_1_auth_comp_id 
_pdbx_struct_sheet_hbond.range_1_auth_asym_id 
_pdbx_struct_sheet_hbond.range_1_auth_seq_id 
_pdbx_struct_sheet_hbond.range_2_label_atom_id 
_pdbx_struct_sheet_hbond.range_2_label_comp_id 
_pdbx_struct_sheet_hbond.range_2_label_asym_id 
_pdbx_struct_sheet_hbond.range_2_label_seq_id 
_pdbx_struct_sheet_hbond.range_2_PDB_ins_code 
_pdbx_struct_sheet_hbond.range_2_auth_atom_id 
_pdbx_struct_sheet_hbond.range_2_auth_comp_id 
_pdbx_struct_sheet_hbond.range_2_auth_asym_id 
_pdbx_struct_sheet_hbond.range_2_auth_seq_id 
AA1 1 2 O THR A 34 ? O THR A 138 N ILE A 23 ? N ILE A 127 
AA1 2 3 O GLN A 20 ? O GLN A 124 N ARG A 13 ? N ARG A 117 
AA1 3 4 N TYR A 4  ? N TYR A 108 O ALA B 3  ? O ALA B 7   
# 
_atom_sites.entry_id                    7VYW 
_atom_sites.Cartn_transf_matrix[1][1]   ? 
_atom_sites.Cartn_transf_matrix[1][2]   ? 
_atom_sites.Cartn_transf_matrix[1][3]   ? 
_atom_sites.Cartn_transf_matrix[2][1]   ? 
_atom_sites.Cartn_transf_matrix[2][2]   ? 
_atom_sites.Cartn_transf_matrix[2][3]   ? 
_atom_sites.Cartn_transf_matrix[3][1]   ? 
_atom_sites.Cartn_transf_matrix[3][2]   ? 
_atom_sites.Cartn_transf_matrix[3][3]   ? 
_atom_sites.Cartn_transf_vector[1]      ? 
_atom_sites.Cartn_transf_vector[2]      ? 
_atom_sites.Cartn_transf_vector[3]      ? 
_atom_sites.fract_transf_matrix[1][1]   0.00410463 
_atom_sites.fract_transf_matrix[1][2]   0.01883497 
_atom_sites.fract_transf_matrix[1][3]   0.03313213 
_atom_sites.fract_transf_matrix[2][1]   0.00232523 
_atom_sites.fract_transf_matrix[2][2]   -0.03050897 
_atom_sites.fract_transf_matrix[2][3]   0.01705569 
_atom_sites.fract_transf_matrix[3][1]   0.01406801 
_atom_sites.fract_transf_matrix[3][2]   0.00007427 
_atom_sites.fract_transf_matrix[3][3]   -0.00178506 
_atom_sites.fract_transf_vector[1]      -0.000428 
_atom_sites.fract_transf_vector[2]      0.045097 
_atom_sites.fract_transf_vector[3]      -0.137075 
_atom_sites.solution_primary            ? 
_atom_sites.solution_secondary          ? 
_atom_sites.solution_hydrogens          ? 
_atom_sites.special_details             ? 
# 
loop_
_atom_type.symbol 
C 
N 
O 
S 
# 
loop_
_atom_site.group_PDB 
_atom_site.id 
_atom_site.type_symbol 
_atom_site.label_atom_id 
_atom_site.label_alt_id 
_atom_site.label_comp_id 
_atom_site.label_asym_id 
_atom_site.label_entity_id 
_atom_site.label_seq_id 
_atom_site.pdbx_PDB_ins_code 
_atom_site.Cartn_x 
_atom_site.Cartn_y 
_atom_site.Cartn_z 
_atom_site.occupancy 
_atom_site.B_iso_or_equiv 
_atom_site.pdbx_formal_charge 
_atom_site.auth_seq_id 
_atom_site.auth_comp_id 
_atom_site.auth_asym_id 
_atom_site.auth_atom_id 
_atom_site.pdbx_PDB_model_num 
ATOM   1   N N   . GLY A 1 1  ? 6.284   -5.061  -7.236  1.00 18.45 ? 105 GLY A N   1 
ATOM   2   C CA  . GLY A 1 1  ? 6.968   -6.017  -6.388  1.00 11.57 ? 105 GLY A CA  1 
ATOM   3   C C   . GLY A 1 1  ? 6.069   -7.026  -5.697  1.00 5.87  ? 105 GLY A C   1 
ATOM   4   O O   . GLY A 1 1  ? 4.996   -7.386  -6.176  1.00 12.83 ? 105 GLY A O   1 
ATOM   5   N N   . GLY A 1 2  ? 6.524   -7.479  -4.532  1.00 5.54  ? 106 GLY A N   1 
ATOM   6   C CA  . GLY A 1 2  ? 5.845   -8.508  -3.781  1.00 4.60  ? 106 GLY A CA  1 
ATOM   7   C C   . GLY A 1 2  ? 4.925   -7.939  -2.719  1.00 6.96  ? 106 GLY A C   1 
ATOM   8   O O   . GLY A 1 2  ? 4.681   -6.734  -2.633  1.00 5.46  ? 106 GLY A O   1 
ATOM   9   N N   . PHE A 1 3  ? 4.420   -8.842  -1.890  1.00 7.17  ? 107 PHE A N   1 
ATOM   10  C CA  . PHE A 1 3  ? 3.442   -8.526  -0.861  1.00 4.32  ? 107 PHE A CA  1 
ATOM   11  C C   . PHE A 1 3  ? 4.152   -8.420  0.478   1.00 8.94  ? 107 PHE A C   1 
ATOM   12  O O   . PHE A 1 3  ? 4.801   -9.375  0.920   1.00 9.88  ? 107 PHE A O   1 
ATOM   13  C CB  . PHE A 1 3  ? 2.352   -9.599  -0.821  1.00 5.99  ? 107 PHE A CB  1 
ATOM   14  C CG  . PHE A 1 3  ? 1.379   -9.514  -1.965  1.00 11.71 ? 107 PHE A CG  1 
ATOM   15  C CD1 . PHE A 1 3  ? 1.743   -9.920  -3.236  1.00 11.61 ? 107 PHE A CD1 1 
ATOM   16  C CD2 . PHE A 1 3  ? 0.102   -9.021  -1.761  1.00 10.69 ? 107 PHE A CD2 1 
ATOM   17  C CE1 . PHE A 1 3  ? 0.841   -9.838  -4.289  1.00 10.88 ? 107 PHE A CE1 1 
ATOM   18  C CE2 . PHE A 1 3  ? -0.799  -8.935  -2.804  1.00 13.94 ? 107 PHE A CE2 1 
ATOM   19  C CZ  . PHE A 1 3  ? -0.426  -9.345  -4.065  1.00 9.26  ? 107 PHE A CZ  1 
ATOM   20  N N   . TYR A 1 4  ? 4.030   -7.258  1.113   1.00 3.58  ? 108 TYR A N   1 
ATOM   21  C CA  . TYR A 1 4  ? 4.633   -6.986  2.406   1.00 4.47  ? 108 TYR A CA  1 
ATOM   22  C C   . TYR A 1 4  ? 3.548   -6.756  3.451   1.00 5.28  ? 108 TYR A C   1 
ATOM   23  O O   . TYR A 1 4  ? 2.440   -6.321  3.133   1.00 6.41  ? 108 TYR A O   1 
ATOM   24  C CB  . TYR A 1 4  ? 5.521   -5.748  2.357   1.00 3.51  ? 108 TYR A CB  1 
ATOM   25  C CG  . TYR A 1 4  ? 6.793   -5.821  1.550   1.00 5.35  ? 108 TYR A CG  1 
ATOM   26  C CD1 . TYR A 1 4  ? 6.769   -5.735  0.163   1.00 4.84  ? 108 TYR A CD1 1 
ATOM   27  C CD2 . TYR A 1 4  ? 8.031   -5.892  2.179   1.00 4.91  ? 108 TYR A CD2 1 
ATOM   28  C CE1 . TYR A 1 4  ? 7.928   -5.763  -0.573  1.00 3.72  ? 108 TYR A CE1 1 
ATOM   29  C CE2 . TYR A 1 4  ? 9.212   -5.908  1.448   1.00 7.27  ? 108 TYR A CE2 1 
ATOM   30  C CZ  . TYR A 1 4  ? 9.154   -5.839  0.065   1.00 7.30  ? 108 TYR A CZ  1 
ATOM   31  O OH  . TYR A 1 4  ? 10.319  -5.848  -0.676  1.00 7.05  ? 108 TYR A OH  1 
ATOM   32  N N   . GLU A 1 5  ? 3.890   -7.019  4.708   1.00 4.48  ? 109 GLU A N   1 
ATOM   33  C CA  . GLU A 1 5  ? 2.976   -6.738  5.808   1.00 4.32  ? 109 GLU A CA  1 
ATOM   34  C C   . GLU A 1 5  ? 2.739   -5.233  5.973   1.00 6.21  ? 109 GLU A C   1 
ATOM   35  O O   . GLU A 1 5  ? 3.689   -4.442  5.951   1.00 5.97  ? 109 GLU A O   1 
ATOM   36  C CB  . GLU A 1 5  ? 3.555   -7.323  7.095   1.00 7.28  ? 109 GLU A CB  1 
ATOM   37  C CG  . GLU A 1 5  ? 3.384   -8.840  7.190   1.00 10.35 ? 109 GLU A CG  1 
ATOM   38  C CD  . GLU A 1 5  ? 4.156   -9.446  8.334   1.00 18.72 ? 109 GLU A CD  1 
ATOM   39  O OE1 . GLU A 1 5  ? 4.223   -8.805  9.398   1.00 24.85 ? 109 GLU A OE1 1 
ATOM   40  O OE2 . GLU A 1 5  ? 4.669   -10.574 8.178   1.00 35.14 ? 109 GLU A OE2 1 
ATOM   41  N N   . ILE A 1 6  ? 1.451   -4.852  6.151   1.00 5.48  ? 110 ILE A N   1 
ATOM   42  C CA  . ILE A 1 6  ? 1.006   -3.475  6.397   1.00 6.23  ? 110 ILE A CA  1 
ATOM   43  C C   . ILE A 1 6  ? 0.945   -3.236  7.894   1.00 10.01 ? 110 ILE A C   1 
ATOM   44  O O   . ILE A 1 6  ? 0.286   -3.995  8.611   1.00 11.37 ? 110 ILE A O   1 
ATOM   45  C CB  . ILE A 1 6  ? -0.409  -3.227  5.832   1.00 12.12 ? 110 ILE A CB  1 
ATOM   46  C CG1 A ILE A 1 6  ? -0.502  -3.466  4.333   0.55 11.65 ? 110 ILE A CG1 1 
ATOM   47  C CG1 B ILE A 1 6  ? -0.467  -3.473  4.340   0.45 11.59 ? 110 ILE A CG1 1 
ATOM   48  C CG2 . ILE A 1 6  ? -0.879  -1.815  6.163   1.00 18.59 ? 110 ILE A CG2 1 
ATOM   49  C CD1 A ILE A 1 6  ? -1.968  -3.492  3.864   0.55 7.11  ? 110 ILE A CD1 1 
ATOM   50  C CD1 B ILE A 1 6  ? 0.738   -3.062  3.686   0.45 7.99  ? 110 ILE A CD1 1 
ATOM   51  N N   . GLU A 1 7  ? 1.530   -2.133  8.357   1.00 7.60  ? 111 GLU A N   1 
ATOM   52  C CA  . GLU A 1 7  ? 1.243   -1.721  9.725   1.00 4.75  ? 111 GLU A CA  1 
ATOM   53  C C   . GLU A 1 7  ? 0.012   -0.832  9.792   1.00 6.95  ? 111 GLU A C   1 
ATOM   54  O O   . GLU A 1 7  ? -0.853  -1.039  10.648  1.00 9.56  ? 111 GLU A O   1 
ATOM   55  C CB  . GLU A 1 7  ? 2.444   -1.003  10.349  1.00 6.11  ? 111 GLU A CB  1 
ATOM   56  C CG  . GLU A 1 7  ? 2.121   -0.434  11.723  1.00 7.55  ? 111 GLU A CG  1 
ATOM   57  C CD  . GLU A 1 7  ? 3.275   0.288   12.384  1.00 16.93 ? 111 GLU A CD  1 
ATOM   58  O OE1 . GLU A 1 7  ? 4.433   0.109   11.960  1.00 13.77 ? 111 GLU A OE1 1 
ATOM   59  O OE2 . GLU A 1 7  ? 3.016   1.035   13.351  1.00 26.60 ? 111 GLU A OE2 1 
ATOM   60  N N   . ALA A 1 8  ? -0.100  0.126   8.877   1.00 5.24  ? 112 ALA A N   1 
ATOM   61  C CA  . ALA A 1 8  ? -1.215  1.057   8.892   1.00 6.85  ? 112 ALA A CA  1 
ATOM   62  C C   . ALA A 1 8  ? -1.354  1.752   7.546   1.00 6.88  ? 112 ALA A C   1 
ATOM   63  O O   . ALA A 1 8  ? -0.388  1.903   6.789   1.00 7.46  ? 112 ALA A O   1 
ATOM   64  C CB  . ALA A 1 8  ? -1.045  2.110   9.988   1.00 9.11  ? 112 ALA A CB  1 
ATOM   65  N N   . ILE A 1 9  ? -2.574  2.180   7.264   1.00 6.45  ? 113 ILE A N   1 
ATOM   66  C CA  . ILE A 1 9  ? -2.829  3.141   6.202   1.00 5.82  ? 113 ILE A CA  1 
ATOM   67  C C   . ILE A 1 9  ? -2.832  4.525   6.829   1.00 7.03  ? 113 ILE A C   1 
ATOM   68  O O   . ILE A 1 9  ? -3.613  4.797   7.750   1.00 9.50  ? 113 ILE A O   1 
ATOM   69  C CB  . ILE A 1 9  ? -4.153  2.845   5.480   1.00 8.16  ? 113 ILE A CB  1 
ATOM   70  C CG1 . ILE A 1 9  ? -4.042  1.516   4.726   1.00 11.11 ? 113 ILE A CG1 1 
ATOM   71  C CG2 . ILE A 1 9  ? -4.480  3.940   4.501   1.00 7.98  ? 113 ILE A CG2 1 
ATOM   72  C CD1 . ILE A 1 9  ? -5.373  0.850   4.498   1.00 12.68 ? 113 ILE A CD1 1 
ATOM   73  N N   . ARG A 1 10 ? -1.957  5.397   6.333   1.00 6.13  ? 114 ARG A N   1 
ATOM   74  C CA  . ARG A 1 10 ? -1.734  6.714   6.915   1.00 5.52  ? 114 ARG A CA  1 
ATOM   75  C C   . ARG A 1 10 ? -2.599  7.782   6.264   1.00 9.01  ? 114 ARG A C   1 
ATOM   76  O O   . ARG A 1 10 ? -3.111  8.672   6.954   1.00 10.71 ? 114 ARG A O   1 
ATOM   77  C CB  . ARG A 1 10 ? -0.262  7.129   6.769   1.00 7.80  ? 114 ARG A CB  1 
ATOM   78  C CG  . ARG A 1 10 ? 0.720   6.319   7.587   1.00 7.28  ? 114 ARG A CG  1 
ATOM   79  C CD  . ARG A 1 10 ? 0.648   6.755   9.031   1.00 9.66  ? 114 ARG A CD  1 
ATOM   80  N NE  . ARG A 1 10 ? 1.732   6.204   9.833   1.00 8.49  ? 114 ARG A NE  1 
ATOM   81  C CZ  . ARG A 1 10 ? 1.551   5.454   10.915  1.00 6.27  ? 114 ARG A CZ  1 
ATOM   82  N NH1 . ARG A 1 10 ? 0.343   5.125   11.330  1.00 12.61 ? 114 ARG A NH1 1 
ATOM   83  N NH2 . ARG A 1 10 ? 2.612   5.017   11.585  1.00 6.87  ? 114 ARG A NH2 1 
ATOM   84  N N   . ARG A 1 11 ? -2.732  7.734   4.944   1.00 4.87  ? 115 ARG A N   1 
ATOM   85  C CA  . ARG A 1 11 ? -3.413  8.794   4.214   1.00 6.25  ? 115 ARG A CA  1 
ATOM   86  C C   . ARG A 1 11 ? -4.014  8.201   2.955   1.00 7.03  ? 115 ARG A C   1 
ATOM   87  O O   . ARG A 1 11 ? -3.710  7.072   2.569   1.00 6.38  ? 115 ARG A O   1 
ATOM   88  C CB  . ARG A 1 11 ? -2.456  9.944   3.866   1.00 6.74  ? 115 ARG A CB  1 
ATOM   89  C CG  . ARG A 1 11 ? -1.994  10.773  5.071   1.00 12.20 ? 115 ARG A CG  1 
ATOM   90  C CD  . ARG A 1 11 ? -0.967  11.845  4.697   1.00 11.62 ? 115 ARG A CD  1 
ATOM   91  N NE  . ARG A 1 11 ? -1.435  12.730  3.641   1.00 21.57 ? 115 ARG A NE  1 
ATOM   92  C CZ  . ARG A 1 11 ? -0.637  13.314  2.757   1.00 30.98 ? 115 ARG A CZ  1 
ATOM   93  N NH1 . ARG A 1 11 ? 0.677   13.154  2.804   1.00 25.91 ? 115 ARG A NH1 1 
ATOM   94  N NH2 . ARG A 1 11 ? -1.167  14.070  1.799   1.00 28.50 ? 115 ARG A NH2 1 
ATOM   95  N N   . LYS A 1 12 ? -4.884  8.989   2.319   1.00 6.22  ? 116 LYS A N   1 
ATOM   96  C CA  . LYS A 1 12 ? -5.548  8.634   1.073   1.00 5.06  ? 116 LYS A CA  1 
ATOM   97  C C   . LYS A 1 12 ? -5.434  9.812   0.118   1.00 6.81  ? 116 LYS A C   1 
ATOM   98  O O   . LYS A 1 12 ? -5.497  10.962  0.554   1.00 7.65  ? 116 LYS A O   1 
ATOM   99  C CB  . LYS A 1 12 ? -7.032  8.314   1.328   1.00 6.62  ? 116 LYS A CB  1 
ATOM   100 C CG  . LYS A 1 12 ? -7.836  8.003   0.081   1.00 7.51  ? 116 LYS A CG  1 
ATOM   101 C CD  . LYS A 1 12 ? -9.228  7.482   0.387   1.00 10.45 ? 116 LYS A CD  1 
ATOM   102 C CE  . LYS A 1 12 ? -10.057 8.456   1.151   1.00 8.15  ? 116 LYS A CE  1 
ATOM   103 N NZ  . LYS A 1 12 ? -11.480 7.976   1.222   1.00 7.44  ? 116 LYS A NZ  1 
ATOM   104 N N   . ARG A 1 13 ? -5.285  9.543   -1.179  1.00 3.84  ? 117 ARG A N   1 
ATOM   105 C CA  . ARG A 1 13 ? -5.233  10.636  -2.137  1.00 4.58  ? 117 ARG A CA  1 
ATOM   106 C C   . ARG A 1 13 ? -5.830  10.192  -3.459  1.00 6.46  ? 117 ARG A C   1 
ATOM   107 O O   . ARG A 1 13 ? -5.974  8.998   -3.735  1.00 5.35  ? 117 ARG A O   1 
ATOM   108 C CB  . ARG A 1 13 ? -3.801  11.128  -2.379  1.00 4.24  ? 117 ARG A CB  1 
ATOM   109 C CG  . ARG A 1 13 ? -2.984  10.210  -3.290  1.00 3.58  ? 117 ARG A CG  1 
ATOM   110 C CD  . ARG A 1 13 ? -1.582  10.775  -3.492  1.00 5.56  ? 117 ARG A CD  1 
ATOM   111 N NE  . ARG A 1 13 ? -0.788  9.914   -4.364  1.00 6.94  ? 117 ARG A NE  1 
ATOM   112 C CZ  . ARG A 1 13 ? 0.496   10.099  -4.621  1.00 7.09  ? 117 ARG A CZ  1 
ATOM   113 N NH1 . ARG A 1 13 ? 1.159   11.123  -4.115  1.00 8.73  ? 117 ARG A NH1 1 
ATOM   114 N NH2 . ARG A 1 13 ? 1.132   9.235   -5.408  1.00 8.20  ? 117 ARG A NH2 1 
ATOM   115 N N   . VAL A 1 14 ? -6.197  11.180  -4.260  1.00 5.99  ? 118 VAL A N   1 
ATOM   116 C CA  A VAL A 1 14 ? -6.553  10.980  -5.657  0.40 4.01  ? 118 VAL A CA  1 
ATOM   117 C CA  B VAL A 1 14 ? -6.552  10.960  -5.652  0.60 3.93  ? 118 VAL A CA  1 
ATOM   118 C C   . VAL A 1 14 ? -5.336  11.299  -6.505  1.00 4.80  ? 118 VAL A C   1 
ATOM   119 O O   . VAL A 1 14 ? -4.690  12.339  -6.310  1.00 5.23  ? 118 VAL A O   1 
ATOM   120 C CB  A VAL A 1 14 ? -7.743  11.860  -6.061  0.40 7.20  ? 118 VAL A CB  1 
ATOM   121 C CB  B VAL A 1 14 ? -7.792  11.781  -6.062  0.60 7.28  ? 118 VAL A CB  1 
ATOM   122 C CG1 A VAL A 1 14 ? -8.100  11.627  -7.516  0.40 5.54  ? 118 VAL A CG1 1 
ATOM   123 C CG1 B VAL A 1 14 ? -7.608  13.255  -5.777  0.60 5.79  ? 118 VAL A CG1 1 
ATOM   124 C CG2 A VAL A 1 14 ? -8.892  11.532  -5.190  0.40 5.07  ? 118 VAL A CG2 1 
ATOM   125 C CG2 B VAL A 1 14 ? -8.102  11.562  -7.529  0.60 5.54  ? 118 VAL A CG2 1 
ATOM   126 N N   . ARG A 1 15 ? -5.010  10.408  -7.428  1.00 7.35  ? 119 ARG A N   1 
ATOM   127 C CA  . ARG A 1 15 ? -3.862  10.600  -8.298  1.00 6.40  ? 119 ARG A CA  1 
ATOM   128 C C   . ARG A 1 15 ? -4.246  10.078  -9.664  1.00 5.20  ? 119 ARG A C   1 
ATOM   129 O O   . ARG A 1 15 ? -4.558  8.889   -9.806  1.00 6.16  ? 119 ARG A O   1 
ATOM   130 C CB  . ARG A 1 15 ? -2.624  9.875   -7.770  1.00 13.53 ? 119 ARG A CB  1 
ATOM   131 C CG  A ARG A 1 15 ? -1.477  9.995   -8.758  0.58 9.37  ? 119 ARG A CG  1 
ATOM   132 C CG  B ARG A 1 15 ? -1.437  9.801   -8.709  0.42 9.46  ? 119 ARG A CG  1 
ATOM   133 C CD  A ARG A 1 15 ? -0.151  10.152  -8.083  0.58 10.84 ? 119 ARG A CD  1 
ATOM   134 C CD  B ARG A 1 15 ? -0.790  11.148  -8.874  0.42 8.33  ? 119 ARG A CD  1 
ATOM   135 N NE  A ARG A 1 15 ? 0.918   10.330  -9.057  0.58 6.82  ? 119 ARG A NE  1 
ATOM   136 N NE  B ARG A 1 15 ? 0.597   11.022  -9.309  0.42 9.74  ? 119 ARG A NE  1 
ATOM   137 C CZ  A ARG A 1 15 ? 1.462   11.491  -9.397  0.58 14.05 ? 119 ARG A CZ  1 
ATOM   138 C CZ  B ARG A 1 15 ? 1.623   11.613  -8.713  0.42 12.92 ? 119 ARG A CZ  1 
ATOM   139 N NH1 A ARG A 1 15 ? 1.099   12.624  -8.816  0.58 10.62 ? 119 ARG A NH1 1 
ATOM   140 N NH1 B ARG A 1 15 ? 1.453   12.381  -7.648  0.42 11.63 ? 119 ARG A NH1 1 
ATOM   141 N NH2 A ARG A 1 15 ? 2.405   11.517  -10.336 0.58 8.04  ? 119 ARG A NH2 1 
ATOM   142 N NH2 B ARG A 1 15 ? 2.851   11.427  -9.194  0.42 12.19 ? 119 ARG A NH2 1 
ATOM   143 N N   . LYS A 1 16 ? -4.259  10.976  -10.650 1.00 5.62  ? 120 LYS A N   1 
ATOM   144 C CA  . LYS A 1 16 ? -4.580  10.614  -12.024 1.00 5.77  ? 120 LYS A CA  1 
ATOM   145 C C   . LYS A 1 16 ? -5.954  9.937   -12.086 1.00 5.25  ? 120 LYS A C   1 
ATOM   146 O O   . LYS A 1 16 ? -6.170  8.962   -12.817 1.00 8.23  ? 120 LYS A O   1 
ATOM   147 C CB  . LYS A 1 16 ? -3.474  9.732   -12.592 1.00 7.49  ? 120 LYS A CB  1 
ATOM   148 C CG  . LYS A 1 16 ? -2.335  10.562  -13.154 1.00 14.01 ? 120 LYS A CG  1 
ATOM   149 C CD  . LYS A 1 16 ? -1.084  9.752   -13.424 1.00 12.11 ? 120 LYS A CD  1 
ATOM   150 C CE  . LYS A 1 16 ? 0.008   10.667  -13.957 1.00 20.30 ? 120 LYS A CE  1 
ATOM   151 N NZ  . LYS A 1 16 ? 1.372   10.080  -13.877 1.00 30.53 ? 120 LYS A NZ  1 
ATOM   152 N N   . GLY A 1 17 ? -6.889  10.451  -11.288 1.00 5.52  ? 121 GLY A N   1 
ATOM   153 C CA  . GLY A 1 17 ? -8.258  9.977   -11.312 1.00 5.92  ? 121 GLY A CA  1 
ATOM   154 C C   . GLY A 1 17 ? -8.473  8.629   -10.670 1.00 6.34  ? 121 GLY A C   1 
ATOM   155 O O   . GLY A 1 17 ? -9.495  7.990   -10.924 1.00 7.90  ? 121 GLY A O   1 
ATOM   156 N N   . LYS A 1 18 ? -7.529  8.176   -9.852  1.00 4.76  ? 122 LYS A N   1 
ATOM   157 C CA  . LYS A 1 18 ? -7.621  6.905   -9.145  1.00 4.39  ? 122 LYS A CA  1 
ATOM   158 C C   . LYS A 1 18 ? -7.312  7.171   -7.680  1.00 4.68  ? 122 LYS A C   1 
ATOM   159 O O   . LYS A 1 18 ? -6.656  8.155   -7.337  1.00 7.31  ? 122 LYS A O   1 
ATOM   160 C CB  . LYS A 1 18 ? -6.641  5.870   -9.717  1.00 8.59  ? 122 LYS A CB  1 
ATOM   161 C CG  . LYS A 1 18 ? -6.709  5.699   -11.230 1.00 11.90 ? 122 LYS A CG  1 
ATOM   162 C CD  . LYS A 1 18 ? -7.669  4.609   -11.639 1.00 26.40 ? 122 LYS A CD  1 
ATOM   163 N N   . VAL A 1 19 ? -7.765  6.281   -6.807  1.00 5.63  ? 123 VAL A N   1 
ATOM   164 C CA  . VAL A 1 19 ? -7.553  6.447   -5.371  1.00 3.88  ? 123 VAL A CA  1 
ATOM   165 C C   . VAL A 1 19 ? -6.318  5.659   -4.954  1.00 5.49  ? 123 VAL A C   1 
ATOM   166 O O   . VAL A 1 19 ? -6.144  4.495   -5.350  1.00 5.97  ? 123 VAL A O   1 
ATOM   167 C CB  . VAL A 1 19 ? -8.792  5.996   -4.582  1.00 5.69  ? 123 VAL A CB  1 
ATOM   168 C CG1 . VAL A 1 19 ? -8.524  6.110   -3.093  1.00 6.58  ? 123 VAL A CG1 1 
ATOM   169 C CG2 . VAL A 1 19 ? -10.004 6.820   -5.001  1.00 8.55  ? 123 VAL A CG2 1 
ATOM   170 N N   . GLN A 1 20 ? -5.451  6.291   -4.163  1.00 3.04  ? 124 GLN A N   1 
ATOM   171 C CA  . GLN A 1 20 ? -4.257  5.642   -3.639  1.00 3.43  ? 124 GLN A CA  1 
ATOM   172 C C   . GLN A 1 20 ? -4.193  5.817   -2.128  1.00 1.90  ? 124 GLN A C   1 
ATOM   173 O O   . GLN A 1 20 ? -4.812  6.715   -1.558  1.00 3.80  ? 124 GLN A O   1 
ATOM   174 C CB  . GLN A 1 20 ? -2.984  6.208   -4.264  1.00 6.31  ? 124 GLN A CB  1 
ATOM   175 C CG  . GLN A 1 20 ? -2.968  6.106   -5.774  1.00 5.24  ? 124 GLN A CG  1 
ATOM   176 C CD  . GLN A 1 20 ? -1.644  6.518   -6.336  1.00 9.01  ? 124 GLN A CD  1 
ATOM   177 O OE1 . GLN A 1 20 ? -0.967  7.368   -5.769  1.00 9.95  ? 124 GLN A OE1 1 
ATOM   178 N NE2 . GLN A 1 20 ? -1.248  5.903   -7.442  1.00 9.46  ? 124 GLN A NE2 1 
ATOM   179 N N   . TYR A 1 21 ? -3.395  4.967   -1.488  1.00 3.36  ? 125 TYR A N   1 
ATOM   180 C CA  . TYR A 1 21 ? -3.251  4.988   -0.040  1.00 4.06  ? 125 TYR A CA  1 
ATOM   181 C C   . TYR A 1 21 ? -1.775  5.016   0.326   1.00 6.56  ? 125 TYR A C   1 
ATOM   182 O O   . TYR A 1 21 ? -0.971  4.305   -0.274  1.00 4.97  ? 125 TYR A O   1 
ATOM   183 C CB  . TYR A 1 21 ? -3.930  3.762   0.570   1.00 3.68  ? 125 TYR A CB  1 
ATOM   184 C CG  . TYR A 1 21 ? -5.398  3.717   0.260   1.00 2.62  ? 125 TYR A CG  1 
ATOM   185 C CD1 . TYR A 1 21 ? -5.857  3.178   -0.933  1.00 4.77  ? 125 TYR A CD1 1 
ATOM   186 C CD2 . TYR A 1 21 ? -6.330  4.239   1.146   1.00 5.05  ? 125 TYR A CD2 1 
ATOM   187 C CE1 . TYR A 1 21 ? -7.200  3.154   -1.228  1.00 4.57  ? 125 TYR A CE1 1 
ATOM   188 C CE2 . TYR A 1 21 ? -7.690  4.217   0.853   1.00 3.09  ? 125 TYR A CE2 1 
ATOM   189 C CZ  . TYR A 1 21 ? -8.109  3.671   -0.334  1.00 5.44  ? 125 TYR A CZ  1 
ATOM   190 O OH  . TYR A 1 21 ? -9.453  3.637   -0.649  1.00 7.54  ? 125 TYR A OH  1 
ATOM   191 N N   . LEU A 1 22 ? -1.428  5.839   1.314   1.00 4.15  ? 126 LEU A N   1 
ATOM   192 C CA  . LEU A 1 22 ? -0.062  5.923   1.819   1.00 3.48  ? 126 LEU A CA  1 
ATOM   193 C C   . LEU A 1 22 ? 0.128   4.850   2.880   1.00 4.25  ? 126 LEU A C   1 
ATOM   194 O O   . LEU A 1 22 ? -0.552  4.869   3.904   1.00 4.24  ? 126 LEU A O   1 
ATOM   195 C CB  . LEU A 1 22 ? 0.203   7.308   2.405   1.00 3.97  ? 126 LEU A CB  1 
ATOM   196 C CG  . LEU A 1 22 ? 1.612   7.567   2.931   1.00 5.81  ? 126 LEU A CG  1 
ATOM   197 C CD1 . LEU A 1 22 ? 2.651   7.441   1.828   1.00 5.07  ? 126 LEU A CD1 1 
ATOM   198 C CD2 . LEU A 1 22 ? 1.677   8.941   3.593   1.00 7.33  ? 126 LEU A CD2 1 
ATOM   199 N N   . ILE A 1 23 ? 1.049   3.928   2.639   1.00 2.83  ? 127 ILE A N   1 
ATOM   200 C CA  . ILE A 1 23 ? 1.203   2.735   3.469   1.00 3.84  ? 127 ILE A CA  1 
ATOM   201 C C   . ILE A 1 23 ? 2.406   2.879   4.384   1.00 2.78  ? 127 ILE A C   1 
ATOM   202 O O   . ILE A 1 23 ? 3.521   3.168   3.919   1.00 3.98  ? 127 ILE A O   1 
ATOM   203 C CB  . ILE A 1 23 ? 1.362   1.479   2.601   1.00 3.45  ? 127 ILE A CB  1 
ATOM   204 C CG1 . ILE A 1 23 ? 0.179   1.347   1.648   1.00 6.20  ? 127 ILE A CG1 1 
ATOM   205 C CG2 . ILE A 1 23 ? 1.507   0.259   3.485   1.00 3.91  ? 127 ILE A CG2 1 
ATOM   206 C CD1 . ILE A 1 23 ? -1.158  1.344   2.332   1.00 8.86  ? 127 ILE A CD1 1 
ATOM   207 N N   . LYS A 1 24 ? 2.178   2.662   5.683   1.00 4.59  ? 128 LYS A N   1 
ATOM   208 C CA  . LYS A 1 24 ? 3.239   2.398   6.655   1.00 4.05  ? 128 LYS A CA  1 
ATOM   209 C C   . LYS A 1 24 ? 3.472   0.893   6.680   1.00 2.76  ? 128 LYS A C   1 
ATOM   210 O O   . LYS A 1 24 ? 2.599   0.134   7.115   1.00 4.84  ? 128 LYS A O   1 
ATOM   211 C CB  . LYS A 1 24 ? 2.842   2.899   8.040   1.00 2.39  ? 128 LYS A CB  1 
ATOM   212 C CG  . LYS A 1 24 ? 3.809   2.571   9.183   1.00 6.05  ? 128 LYS A CG  1 
ATOM   213 C CD  . LYS A 1 24 ? 5.249   3.045   8.950   1.00 4.16  ? 128 LYS A CD  1 
ATOM   214 C CE  . LYS A 1 24 ? 6.119   2.730   10.181  1.00 6.96  ? 128 LYS A CE  1 
ATOM   215 N NZ  . LYS A 1 24 ? 6.398   1.276   10.393  1.00 5.00  ? 128 LYS A NZ  1 
ATOM   216 N N   . TRP A 1 25 ? 4.640   0.465   6.214   1.00 2.70  ? 129 TRP A N   1 
ATOM   217 C CA  . TRP A 1 25 ? 4.953   -0.949  6.127   1.00 3.80  ? 129 TRP A CA  1 
ATOM   218 C C   . TRP A 1 25 ? 5.479   -1.470  7.452   1.00 4.03  ? 129 TRP A C   1 
ATOM   219 O O   . TRP A 1 25 ? 6.238   -0.789  8.145   1.00 4.71  ? 129 TRP A O   1 
ATOM   220 C CB  . TRP A 1 25 ? 5.974   -1.196  5.015   1.00 3.29  ? 129 TRP A CB  1 
ATOM   221 C CG  . TRP A 1 25 ? 5.495   -0.708  3.667   1.00 1.80  ? 129 TRP A CG  1 
ATOM   222 C CD1 . TRP A 1 25 ? 5.799   0.479   3.061   1.00 2.26  ? 129 TRP A CD1 1 
ATOM   223 C CD2 . TRP A 1 25 ? 4.627   -1.408  2.768   1.00 5.39  ? 129 TRP A CD2 1 
ATOM   224 N NE1 . TRP A 1 25 ? 5.163   0.560   1.835   1.00 3.78  ? 129 TRP A NE1 1 
ATOM   225 C CE2 . TRP A 1 25 ? 4.438   -0.585  1.638   1.00 3.20  ? 129 TRP A CE2 1 
ATOM   226 C CE3 . TRP A 1 25 ? 3.982   -2.645  2.820   1.00 4.65  ? 129 TRP A CE3 1 
ATOM   227 C CZ2 . TRP A 1 25 ? 3.626   -0.964  0.562   1.00 4.46  ? 129 TRP A CZ2 1 
ATOM   228 C CZ3 . TRP A 1 25 ? 3.198   -3.029  1.733   1.00 6.34  ? 129 TRP A CZ3 1 
ATOM   229 C CH2 . TRP A 1 25 ? 3.015   -2.184  0.632   1.00 4.03  ? 129 TRP A CH2 1 
ATOM   230 N N   . ARG A 1 26 ? 5.060   -2.682  7.817   1.00 2.82  ? 130 ARG A N   1 
ATOM   231 C CA  . ARG A 1 26 ? 5.490   -3.236  9.090   1.00 3.34  ? 130 ARG A CA  1 
ATOM   232 C C   . ARG A 1 26 ? 6.989   -3.476  9.037   1.00 3.36  ? 130 ARG A C   1 
ATOM   233 O O   . ARG A 1 26 ? 7.487   -4.072  8.080   1.00 5.56  ? 130 ARG A O   1 
ATOM   234 C CB  . ARG A 1 26 ? 4.752   -4.535  9.397   1.00 5.88  ? 130 ARG A CB  1 
ATOM   235 C CG  . ARG A 1 26 ? 5.038   -5.050  10.797  1.00 11.78 ? 130 ARG A CG  1 
ATOM   236 C CD  . ARG A 1 26 ? 4.181   -6.251  11.161  1.00 13.65 ? 130 ARG A CD  1 
ATOM   237 N NE  . ARG A 1 26 ? 2.762   -6.088  10.858  1.00 15.13 ? 130 ARG A NE  1 
ATOM   238 C CZ  . ARG A 1 26 ? 1.916   -5.324  11.540  1.00 19.66 ? 130 ARG A CZ  1 
ATOM   239 N NH1 . ARG A 1 26 ? 2.318   -4.574  12.558  1.00 18.20 ? 130 ARG A NH1 1 
ATOM   240 N NH2 . ARG A 1 26 ? 0.631   -5.313  11.196  1.00 14.34 ? 130 ARG A NH2 1 
ATOM   241 N N   . GLY A 1 27 ? 7.716   -2.952  10.020  1.00 3.09  ? 131 GLY A N   1 
ATOM   242 C CA  . GLY A 1 27 ? 9.144   -3.182  10.049  1.00 4.85  ? 131 GLY A CA  1 
ATOM   243 C C   . GLY A 1 27 ? 9.965   -2.314  9.123   1.00 3.74  ? 131 GLY A C   1 
ATOM   244 O O   . GLY A 1 27 ? 11.167  -2.574  8.963   1.00 3.86  ? 131 GLY A O   1 
ATOM   245 N N   . TRP A 1 28 ? 9.353   -1.322  8.477   1.00 3.00  ? 132 TRP A N   1 
ATOM   246 C CA  . TRP A 1 28 ? 10.080  -0.304  7.737   1.00 2.55  ? 132 TRP A CA  1 
ATOM   247 C C   . TRP A 1 28 ? 9.784   1.065   8.346   1.00 2.47  ? 132 TRP A C   1 
ATOM   248 O O   . TRP A 1 28 ? 8.682   1.298   8.842   1.00 5.34  ? 132 TRP A O   1 
ATOM   249 C CB  . TRP A 1 28 ? 9.696   -0.302  6.247   1.00 4.46  ? 132 TRP A CB  1 
ATOM   250 C CG  . TRP A 1 28 ? 10.187  -1.525  5.523   1.00 6.68  ? 132 TRP A CG  1 
ATOM   251 C CD1 . TRP A 1 28 ? 9.737   -2.807  5.680   1.00 5.30  ? 132 TRP A CD1 1 
ATOM   252 C CD2 . TRP A 1 28 ? 11.243  -1.587  4.556   1.00 11.41 ? 132 TRP A CD2 1 
ATOM   253 N NE1 . TRP A 1 28 ? 10.447  -3.661  4.864   1.00 11.39 ? 132 TRP A NE1 1 
ATOM   254 C CE2 . TRP A 1 28 ? 11.364  -2.934  4.155   1.00 7.73  ? 132 TRP A CE2 1 
ATOM   255 C CE3 . TRP A 1 28 ? 12.078  -0.632  3.978   1.00 10.97 ? 132 TRP A CE3 1 
ATOM   256 C CZ2 . TRP A 1 28 ? 12.308  -3.349  3.216   1.00 11.67 ? 132 TRP A CZ2 1 
ATOM   257 C CZ3 . TRP A 1 28 ? 13.006  -1.035  3.046   1.00 11.65 ? 132 TRP A CZ3 1 
ATOM   258 C CH2 . TRP A 1 28 ? 13.112  -2.386  2.665   1.00 12.51 ? 132 TRP A CH2 1 
ATOM   259 N N   . PRO A 1 29 ? 10.746  1.982   8.339   1.00 4.08  ? 133 PRO A N   1 
ATOM   260 C CA  . PRO A 1 29 ? 10.517  3.285   8.968   1.00 4.56  ? 133 PRO A CA  1 
ATOM   261 C C   . PRO A 1 29 ? 9.494   4.122   8.208   1.00 3.86  ? 133 PRO A C   1 
ATOM   262 O O   . PRO A 1 29 ? 9.171   3.869   7.046   1.00 4.67  ? 133 PRO A O   1 
ATOM   263 C CB  . PRO A 1 29 ? 11.905  3.935   8.940   1.00 4.79  ? 133 PRO A CB  1 
ATOM   264 C CG  . PRO A 1 29 ? 12.600  3.283   7.809   1.00 6.91  ? 133 PRO A CG  1 
ATOM   265 C CD  . PRO A 1 29 ? 12.094  1.868   7.765   1.00 4.92  ? 133 PRO A CD  1 
ATOM   266 N N   . GLU A 1 30 ? 8.981   5.146   8.902   1.00 4.93  ? 134 GLU A N   1 
ATOM   267 C CA  A GLU A 1 30 ? 8.018   6.053   8.291   0.63 7.33  ? 134 GLU A CA  1 
ATOM   268 C CA  B GLU A 1 30 ? 8.023   6.064   8.294   0.37 7.33  ? 134 GLU A CA  1 
ATOM   269 C C   . GLU A 1 30 ? 8.562   6.678   7.011   1.00 6.91  ? 134 GLU A C   1 
ATOM   270 O O   . GLU A 1 30 ? 7.795   6.936   6.073   1.00 6.15  ? 134 GLU A O   1 
ATOM   271 C CB  A GLU A 1 30 ? 7.625   7.131   9.304   0.63 6.86  ? 134 GLU A CB  1 
ATOM   272 C CB  B GLU A 1 30 ? 7.656   7.178   9.276   0.37 6.90  ? 134 GLU A CB  1 
ATOM   273 C CG  A GLU A 1 30 ? 6.283   7.795   9.050   0.63 5.12  ? 134 GLU A CG  1 
ATOM   274 C CG  B GLU A 1 30 ? 6.929   6.718   10.523  0.37 8.71  ? 134 GLU A CG  1 
ATOM   275 C CD  A GLU A 1 30 ? 5.103   6.980   9.550   0.63 9.65  ? 134 GLU A CD  1 
ATOM   276 C CD  B GLU A 1 30 ? 5.479   6.321   10.271  0.37 12.11 ? 134 GLU A CD  1 
ATOM   277 O OE1 A GLU A 1 30 ? 5.259   6.211   10.519  0.63 13.22 ? 134 GLU A OE1 1 
ATOM   278 O OE1 B GLU A 1 30 ? 4.924   6.688   9.215   0.37 9.65  ? 134 GLU A OE1 1 
ATOM   279 O OE2 A GLU A 1 30 ? 4.002   7.127   8.983   0.63 8.10  ? 134 GLU A OE2 1 
ATOM   280 O OE2 B GLU A 1 30 ? 4.890   5.645   11.143  0.37 12.70 ? 134 GLU A OE2 1 
ATOM   281 N N   . THR A 1 31 ? 9.876   6.928   6.949   1.00 6.65  ? 135 THR A N   1 
ATOM   282 C CA  . THR A 1 31 ? 10.476  7.503   5.750   1.00 5.01  ? 135 THR A CA  1 
ATOM   283 C C   . THR A 1 31 ? 10.358  6.580   4.545   1.00 8.23  ? 135 THR A C   1 
ATOM   284 O O   . THR A 1 31 ? 10.554  7.032   3.409   1.00 9.29  ? 135 THR A O   1 
ATOM   285 C CB  . THR A 1 31 ? 11.949  7.835   5.992   1.00 8.62  ? 135 THR A CB  1 
ATOM   286 O OG1 . THR A 1 31 ? 12.633  6.675   6.495   1.00 8.24  ? 135 THR A OG1 1 
ATOM   287 C CG2 . THR A 1 31 ? 12.099  9.001   6.971   1.00 9.11  ? 135 THR A CG2 1 
ATOM   288 N N   . ALA A 1 32 ? 10.050  5.302   4.762   1.00 4.37  ? 136 ALA A N   1 
ATOM   289 C CA  . ALA A 1 32 ? 9.907   4.343   3.675   1.00 4.79  ? 136 ALA A CA  1 
ATOM   290 C C   . ALA A 1 32 ? 8.458   4.165   3.231   1.00 3.13  ? 136 ALA A C   1 
ATOM   291 O O   . ALA A 1 32 ? 8.187   3.309   2.386   1.00 6.10  ? 136 ALA A O   1 
ATOM   292 C CB  . ALA A 1 32 ? 10.498  2.988   4.078   1.00 6.31  ? 136 ALA A CB  1 
ATOM   293 N N   . ASN A 1 33 ? 7.525   4.944   3.782   1.00 4.20  ? 137 ASN A N   1 
ATOM   294 C CA  . ASN A 1 33 ? 6.134   4.870   3.349   1.00 4.36  ? 137 ASN A CA  1 
ATOM   295 C C   . ASN A 1 33 ? 6.036   5.058   1.837   1.00 5.25  ? 137 ASN A C   1 
ATOM   296 O O   . ASN A 1 33 ? 6.769   5.858   1.247   1.00 7.29  ? 137 ASN A O   1 
ATOM   297 C CB  . ASN A 1 33 ? 5.283   5.948   4.041   1.00 4.88  ? 137 ASN A CB  1 
ATOM   298 C CG  . ASN A 1 33 ? 5.117   5.732   5.540   1.00 3.20  ? 137 ASN A CG  1 
ATOM   299 O OD1 . ASN A 1 33 ? 5.550   4.727   6.098   1.00 5.34  ? 137 ASN A OD1 1 
ATOM   300 N ND2 . ASN A 1 33 ? 4.458   6.689   6.197   1.00 6.40  ? 137 ASN A ND2 1 
ATOM   301 N N   . THR A 1 34 ? 5.107   4.327   1.204   1.00 4.74  ? 138 THR A N   1 
ATOM   302 C CA  . THR A 1 34 ? 4.854   4.476   -0.226  1.00 5.36  ? 138 THR A CA  1 
ATOM   303 C C   . THR A 1 34 ? 3.365   4.650   -0.497  1.00 3.12  ? 138 THR A C   1 
ATOM   304 O O   . THR A 1 34 ? 2.515   4.107   0.219   1.00 5.14  ? 138 THR A O   1 
ATOM   305 C CB  . THR A 1 34 ? 5.359   3.262   -1.036  1.00 5.07  ? 138 THR A CB  1 
ATOM   306 O OG1 . THR A 1 34 ? 4.707   2.070   -0.567  1.00 6.17  ? 138 THR A OG1 1 
ATOM   307 C CG2 . THR A 1 34 ? 6.874   3.105   -0.889  1.00 6.87  ? 138 THR A CG2 1 
ATOM   308 N N   . TRP A 1 35 ? 3.064   5.386   -1.575  1.00 3.79  ? 139 TRP A N   1 
ATOM   309 C CA  . TRP A 1 35 ? 1.706   5.481   -2.101  1.00 5.78  ? 139 TRP A CA  1 
ATOM   310 C C   . TRP A 1 35 ? 1.413   4.283   -2.988  1.00 5.22  ? 139 TRP A C   1 
ATOM   311 O O   . TRP A 1 35 ? 2.180   3.973   -3.910  1.00 8.40  ? 139 TRP A O   1 
ATOM   312 C CB  . TRP A 1 35 ? 1.520   6.764   -2.904  1.00 7.44  ? 139 TRP A CB  1 
ATOM   313 C CG  . TRP A 1 35 ? 1.534   7.984   -2.061  1.00 3.66  ? 139 TRP A CG  1 
ATOM   314 C CD1 . TRP A 1 35 ? 2.592   8.827   -1.859  1.00 6.61  ? 139 TRP A CD1 1 
ATOM   315 C CD2 . TRP A 1 35 ? 0.434   8.534   -1.326  1.00 7.29  ? 139 TRP A CD2 1 
ATOM   316 N NE1 . TRP A 1 35 ? 2.221   9.853   -1.033  1.00 8.55  ? 139 TRP A NE1 1 
ATOM   317 C CE2 . TRP A 1 35 ? 0.901   9.701   -0.693  1.00 7.46  ? 139 TRP A CE2 1 
ATOM   318 C CE3 . TRP A 1 35 ? -0.901  8.151   -1.141  1.00 6.29  ? 139 TRP A CE3 1 
ATOM   319 C CZ2 . TRP A 1 35 ? 0.082   10.491  0.121   1.00 6.99  ? 139 TRP A CZ2 1 
ATOM   320 C CZ3 . TRP A 1 35 ? -1.716  8.940   -0.338  1.00 6.14  ? 139 TRP A CZ3 1 
ATOM   321 C CH2 . TRP A 1 35 ? -1.216  10.098  0.280   1.00 7.10  ? 139 TRP A CH2 1 
ATOM   322 N N   . GLU A 1 36 ? 0.308   3.600   -2.698  1.00 4.78  ? 140 GLU A N   1 
ATOM   323 C CA  . GLU A 1 36 ? -0.017  2.390   -3.434  1.00 3.36  ? 140 GLU A CA  1 
ATOM   324 C C   . GLU A 1 36 ? -1.419  2.491   -4.008  1.00 3.39  ? 140 GLU A C   1 
ATOM   325 O O   . GLU A 1 36 ? -2.328  3.023   -3.363  1.00 4.65  ? 140 GLU A O   1 
ATOM   326 C CB  . GLU A 1 36 ? 0.074   1.145   -2.541  1.00 4.39  ? 140 GLU A CB  1 
ATOM   327 C CG  . GLU A 1 36 ? 1.450   0.946   -1.933  1.00 4.44  ? 140 GLU A CG  1 
ATOM   328 C CD  . GLU A 1 36 ? 2.535   0.631   -2.961  1.00 9.07  ? 140 GLU A CD  1 
ATOM   329 O OE1 . GLU A 1 36 ? 2.214   0.187   -4.085  1.00 7.18  ? 140 GLU A OE1 1 
ATOM   330 O OE2 . GLU A 1 36 ? 3.723   0.828   -2.636  1.00 7.86  ? 140 GLU A OE2 1 
ATOM   331 N N   . PRO A 1 37 ? -1.615  1.997   -5.219  1.00 3.28  ? 141 PRO A N   1 
ATOM   332 C CA  . PRO A 1 37 ? -2.961  1.969   -5.791  1.00 3.62  ? 141 PRO A CA  1 
ATOM   333 C C   . PRO A 1 37 ? -3.906  1.087   -4.983  1.00 5.21  ? 141 PRO A C   1 
ATOM   334 O O   . PRO A 1 37 ? -3.504  0.102   -4.353  1.00 4.01  ? 141 PRO A O   1 
ATOM   335 C CB  . PRO A 1 37 ? -2.733  1.402   -7.199  1.00 7.29  ? 141 PRO A CB  1 
ATOM   336 C CG  . PRO A 1 37 ? -1.444  0.693   -7.118  1.00 12.73 ? 141 PRO A CG  1 
ATOM   337 C CD  . PRO A 1 37 ? -0.606  1.458   -6.148  1.00 6.71  ? 141 PRO A CD  1 
ATOM   338 N N   . LEU A 1 38 ? -5.181  1.485   -5.001  1.00 6.56  ? 142 LEU A N   1 
ATOM   339 C CA  . LEU A 1 38 ? -6.267  0.696   -4.427  1.00 5.29  ? 142 LEU A CA  1 
ATOM   340 C C   . LEU A 1 38 ? -6.114  -0.805  -4.662  1.00 6.84  ? 142 LEU A C   1 
ATOM   341 O O   . LEU A 1 38 ? -6.226  -1.607  -3.725  1.00 5.08  ? 142 LEU A O   1 
ATOM   342 C CB  . LEU A 1 38 ? -7.593  1.182   -5.017  1.00 6.29  ? 142 LEU A CB  1 
ATOM   343 C CG  . LEU A 1 38 ? -8.827  0.356   -4.684  1.00 9.18  ? 142 LEU A CG  1 
ATOM   344 C CD1 . LEU A 1 38 ? -9.247  0.638   -3.279  1.00 9.19  ? 142 LEU A CD1 1 
ATOM   345 C CD2 . LEU A 1 38 ? -9.958  0.650   -5.663  1.00 11.32 ? 142 LEU A CD2 1 
ATOM   346 N N   . GLU A 1 39 ? -5.864  -1.203  -5.914  1.00 6.69  ? 143 GLU A N   1 
ATOM   347 C CA  A GLU A 1 39 ? -5.820  -2.625  -6.236  0.42 7.55  ? 143 GLU A CA  1 
ATOM   348 C CA  B GLU A 1 39 ? -5.815  -2.625  -6.241  0.58 7.55  ? 143 GLU A CA  1 
ATOM   349 C C   . GLU A 1 39 ? -4.723  -3.350  -5.464  1.00 7.99  ? 143 GLU A C   1 
ATOM   350 O O   . GLU A 1 39 ? -4.867  -4.543  -5.159  1.00 7.49  ? 143 GLU A O   1 
ATOM   351 C CB  A GLU A 1 39 ? -5.642  -2.814  -7.743  0.42 7.73  ? 143 GLU A CB  1 
ATOM   352 C CB  B GLU A 1 39 ? -5.617  -2.810  -7.747  0.58 7.72  ? 143 GLU A CB  1 
ATOM   353 C CG  A GLU A 1 39 ? -4.316  -2.319  -8.285  0.42 8.53  ? 143 GLU A CG  1 
ATOM   354 C CG  B GLU A 1 39 ? -6.848  -2.492  -8.580  0.58 9.31  ? 143 GLU A CG  1 
ATOM   355 N N   . ASN A 1 40 ? -3.630  -2.656  -5.123  1.00 4.64  ? 144 ASN A N   1 
ATOM   356 C CA  . ASN A 1 40 ? -2.571  -3.317  -4.369  1.00 3.23  ? 144 ASN A CA  1 
ATOM   357 C C   . ASN A 1 40 ? -3.000  -3.667  -2.954  1.00 4.18  ? 144 ASN A C   1 
ATOM   358 O O   . ASN A 1 40 ? -2.411  -4.569  -2.346  1.00 6.44  ? 144 ASN A O   1 
ATOM   359 C CB  . ASN A 1 40 ? -1.321  -2.444  -4.326  1.00 5.93  ? 144 ASN A CB  1 
ATOM   360 C CG  . ASN A 1 40 ? -0.564  -2.465  -5.627  1.00 7.12  ? 144 ASN A CG  1 
ATOM   361 O OD1 . ASN A 1 40 ? -1.059  -2.981  -6.636  1.00 9.44  ? 144 ASN A OD1 1 
ATOM   362 N ND2 . ASN A 1 40 ? 0.649   -1.924  -5.617  1.00 6.45  ? 144 ASN A ND2 1 
ATOM   363 N N   . LEU A 1 41 ? -4.000  -2.975  -2.415  1.00 4.11  ? 145 LEU A N   1 
ATOM   364 C CA  . LEU A 1 41 ? -4.472  -3.242  -1.064  1.00 4.80  ? 145 LEU A CA  1 
ATOM   365 C C   . LEU A 1 41 ? -5.578  -4.277  -1.043  1.00 7.92  ? 145 LEU A C   1 
ATOM   366 O O   . LEU A 1 41 ? -5.921  -4.783  0.027   1.00 11.53 ? 145 LEU A O   1 
ATOM   367 C CB  A LEU A 1 41 ? -4.967  -1.953  -0.398  0.65 6.58  ? 145 LEU A CB  1 
ATOM   368 C CB  B LEU A 1 41 ? -4.979  -1.952  -0.402  0.35 6.58  ? 145 LEU A CB  1 
ATOM   369 C CG  A LEU A 1 41 ? -3.931  -0.958  0.124   0.65 9.07  ? 145 LEU A CG  1 
ATOM   370 C CG  B LEU A 1 41 ? -3.988  -1.002  0.281   0.35 9.01  ? 145 LEU A CG  1 
ATOM   371 C CD1 A LEU A 1 41 ? -3.222  -0.263  -1.011  0.65 6.37  ? 145 LEU A CD1 1 
ATOM   372 C CD1 B LEU A 1 41 ? -3.597  -1.518  1.655   0.35 7.05  ? 145 LEU A CD1 1 
ATOM   373 C CD2 A LEU A 1 41 ? -4.559  0.075   1.039   0.65 13.54 ? 145 LEU A CD2 1 
ATOM   374 C CD2 B LEU A 1 41 ? -2.744  -0.736  -0.564  0.35 8.51  ? 145 LEU A CD2 1 
ATOM   375 N N   . GLN A 1 42 ? -6.164  -4.590  -2.194  1.00 6.30  ? 146 GLN A N   1 
ATOM   376 C CA  . GLN A 1 42 ? -7.300  -5.490  -2.230  1.00 5.63  ? 146 GLN A CA  1 
ATOM   377 C C   . GLN A 1 42 ? -6.977  -6.813  -2.896  1.00 9.69  ? 146 GLN A C   1 
ATOM   378 O O   . GLN A 1 42 ? -7.807  -7.724  -2.857  1.00 14.93 ? 146 GLN A O   1 
ATOM   379 C CB  . GLN A 1 42 ? -8.483  -4.799  -2.929  1.00 8.06  ? 146 GLN A CB  1 
ATOM   380 C CG  . GLN A 1 42 ? -8.767  -3.465  -2.262  1.00 5.39  ? 146 GLN A CG  1 
ATOM   381 C CD  . GLN A 1 42 ? -10.131 -2.872  -2.568  1.00 6.90  ? 146 GLN A CD  1 
ATOM   382 O OE1 . GLN A 1 42 ? -10.774 -2.316  -1.678  1.00 5.60  ? 146 GLN A OE1 1 
ATOM   383 N NE2 . GLN A 1 42 ? -10.553 -2.929  -3.832  1.00 6.10  ? 146 GLN A NE2 1 
ATOM   384 N N   . SER A 1 43 ? -5.790  -6.944  -3.475  1.00 6.91  ? 147 SER A N   1 
ATOM   385 C CA  A SER A 1 43 ? -5.385  -8.193  -4.099  0.37 8.21  ? 147 SER A CA  1 
ATOM   386 C CA  B SER A 1 43 ? -5.362  -8.188  -4.101  0.63 8.17  ? 147 SER A CA  1 
ATOM   387 C C   . SER A 1 43 ? -4.875  -9.171  -3.049  1.00 7.07  ? 147 SER A C   1 
ATOM   388 O O   . SER A 1 43 ? -4.085  -8.804  -2.170  1.00 11.07 ? 147 SER A O   1 
ATOM   389 C CB  A SER A 1 43 ? -4.306  -7.927  -5.144  0.37 12.05 ? 147 SER A CB  1 
ATOM   390 C CB  B SER A 1 43 ? -4.244  -7.902  -5.100  0.63 12.07 ? 147 SER A CB  1 
ATOM   391 O OG  A SER A 1 43 ? -4.850  -7.220  -6.244  0.37 11.12 ? 147 SER A OG  1 
ATOM   392 O OG  B SER A 1 43 ? -3.840  -9.083  -5.764  0.63 11.10 ? 147 SER A OG  1 
ATOM   393 N N   . ILE A 1 44 ? -5.333  -10.416 -3.138  1.00 8.32  ? 148 ILE A N   1 
ATOM   394 C CA  . ILE A 1 44 ? -4.852  -11.499 -2.288  1.00 7.44  ? 148 ILE A CA  1 
ATOM   395 C C   . ILE A 1 44 ? -3.843  -12.300 -3.100  1.00 9.52  ? 148 ILE A C   1 
ATOM   396 O O   . ILE A 1 44 ? -4.180  -12.843 -4.159  1.00 13.44 ? 148 ILE A O   1 
ATOM   397 C CB  . ILE A 1 44 ? -6.007  -12.386 -1.795  1.00 3.22  ? 148 ILE A CB  1 
ATOM   398 C CG1 . ILE A 1 44 ? -6.986  -11.581 -0.937  1.00 8.51  ? 148 ILE A CG1 1 
ATOM   399 C CG2 . ILE A 1 44 ? -5.478  -13.568 -0.983  1.00 9.04  ? 148 ILE A CG2 1 
ATOM   400 C CD1 . ILE A 1 44 ? -8.196  -12.375 -0.493  1.00 12.28 ? 148 ILE A CD1 1 
ATOM   401 N N   . ALA A 1 45 ? -2.608  -12.385 -2.610  1.00 7.69  ? 149 ALA A N   1 
ATOM   402 C CA  . ALA A 1 45 ? -1.569  -13.090 -3.353  1.00 8.23  ? 149 ALA A CA  1 
ATOM   403 C C   . ALA A 1 45 ? -1.901  -14.572 -3.485  1.00 14.31 ? 149 ALA A C   1 
ATOM   404 O O   . ALA A 1 45 ? -2.448  -15.189 -2.568  1.00 12.19 ? 149 ALA A O   1 
ATOM   405 C CB  . ALA A 1 45 ? -0.214  -12.927 -2.664  1.00 10.69 ? 149 ALA A CB  1 
ATOM   406 N N   . ASP A 1 46 ? -1.553  -15.144 -4.635  1.00 18.91 ? 150 ASP A N   1 
ATOM   407 C CA  . ASP A 1 46 ? -1.728  -16.577 -4.866  1.00 18.13 ? 150 ASP A CA  1 
ATOM   408 C C   . ASP A 1 46 ? -0.664  -17.391 -4.127  1.00 30.49 ? 150 ASP A C   1 
ATOM   409 O O   . ASP A 1 46 ? 0.400   -16.873 -3.783  1.00 23.43 ? 150 ASP A O   1 
ATOM   410 C CB  . ASP A 1 46 ? -1.678  -16.893 -6.368  1.00 37.07 ? 150 ASP A CB  1 
ATOM   411 C CG  . ASP A 1 46 ? -2.793  -16.216 -7.156  1.00 48.20 ? 150 ASP A CG  1 
ATOM   412 O OD1 . ASP A 1 46 ? -3.759  -15.724 -6.532  1.00 44.07 ? 150 ASP A OD1 1 
ATOM   413 O OD2 . ASP A 1 46 ? -2.701  -16.172 -8.403  1.00 42.01 ? 150 ASP A OD2 1 
ATOM   414 N N   . VAL A 1 47 ? -0.957  -18.669 -3.900  1.00 32.19 ? 151 VAL A N   1 
ATOM   415 C CA  . VAL A 1 47 ? -0.027  -19.574 -3.233  1.00 28.70 ? 151 VAL A CA  1 
HETATM 416 N N   . PCA B 2 1  ? -2.381  -7.966  7.805   1.00 4.55  ? 5   PCA B N   1 
HETATM 417 C CA  . PCA B 2 1  ? -2.678  -7.766  6.403   1.00 5.99  ? 5   PCA B CA  1 
HETATM 418 C CB  . PCA B 2 1  ? -3.599  -6.535  6.407   1.00 6.99  ? 5   PCA B CB  1 
HETATM 419 C CG  . PCA B 2 1  ? -3.134  -5.796  7.650   1.00 9.07  ? 5   PCA B CG  1 
HETATM 420 C CD  . PCA B 2 1  ? -2.575  -6.872  8.543   1.00 10.04 ? 5   PCA B CD  1 
HETATM 421 O OE  . PCA B 2 1  ? -2.302  -6.760  9.743   1.00 9.99  ? 5   PCA B OE  1 
HETATM 422 C C   . PCA B 2 1  ? -1.432  -7.538  5.550   1.00 6.32  ? 5   PCA B C   1 
HETATM 423 O O   . PCA B 2 1  ? -0.446  -7.040  6.072   1.00 6.22  ? 5   PCA B O   1 
ATOM   424 N N   . THR B 2 2  ? -1.492  -7.894  4.276   1.00 4.30  ? 6   THR B N   1 
ATOM   425 C CA  . THR B 2 2  ? -0.426  -7.526  3.355   1.00 4.10  ? 6   THR B CA  1 
ATOM   426 C C   . THR B 2 2  ? -0.956  -6.631  2.253   1.00 7.48  ? 6   THR B C   1 
ATOM   427 O O   . THR B 2 2  ? -2.159  -6.542  2.032   1.00 7.15  ? 6   THR B O   1 
ATOM   428 C CB  . THR B 2 2  ? 0.243   -8.764  2.703   1.00 5.22  ? 6   THR B CB  1 
ATOM   429 O OG1 . THR B 2 2  ? -0.739  -9.517  1.978   1.00 8.73  ? 6   THR B OG1 1 
ATOM   430 C CG2 . THR B 2 2  ? 0.906   -9.650  3.758   1.00 5.92  ? 6   THR B CG2 1 
ATOM   431 N N   . ALA B 2 3  ? -0.042  -5.974  1.547   1.00 5.55  ? 7   ALA B N   1 
ATOM   432 C CA  . ALA B 2 3  ? -0.397  -5.247  0.342   1.00 3.68  ? 7   ALA B CA  1 
ATOM   433 C C   . ALA B 2 3  ? 0.730   -5.416  -0.658  1.00 3.94  ? 7   ALA B C   1 
ATOM   434 O O   . ALA B 2 3  ? 1.883   -5.628  -0.282  1.00 6.36  ? 7   ALA B O   1 
ATOM   435 C CB  . ALA B 2 3  ? -0.631  -3.756  0.589   1.00 7.49  ? 7   ALA B CB  1 
ATOM   436 N N   . ARG B 2 4  ? 0.392   -5.329  -1.934  1.00 2.69  ? 8   ARG B N   1 
ATOM   437 C CA  . ARG B 2 4  ? 1.435   -5.375  -2.941  1.00 2.91  ? 8   ARG B CA  1 
ATOM   438 C C   . ARG B 2 4  ? 2.163   -4.021  -2.966  1.00 5.59  ? 8   ARG B C   1 
ATOM   439 O O   . ARG B 2 4  ? 1.547   -2.964  -2.890  1.00 5.95  ? 8   ARG B O   1 
ATOM   440 C CB  . ARG B 2 4  ? 0.842   -5.741  -4.311  1.00 6.75  ? 8   ARG B CB  1 
ATOM   441 C CG  . ARG B 2 4  ? 1.817   -5.709  -5.469  1.00 7.77  ? 8   ARG B CG  1 
ATOM   442 C CD  . ARG B 2 4  ? 1.205   -6.344  -6.734  1.00 12.55 ? 8   ARG B CD  1 
ATOM   443 N NE  . ARG B 2 4  ? -0.043  -5.685  -7.096  1.00 16.51 ? 8   ARG B NE  1 
ATOM   444 C CZ  . ARG B 2 4  ? -1.192  -6.288  -7.379  1.00 11.46 ? 8   ARG B CZ  1 
ATOM   445 N NH1 . ARG B 2 4  ? -1.285  -7.610  -7.484  1.00 10.48 ? 8   ARG B NH1 1 
ATOM   446 N NH2 . ARG B 2 4  ? -2.274  -5.542  -7.595  1.00 14.54 ? 8   ARG B NH2 1 
HETATM 447 N N   . M3L B 2 5  ? 3.482   -4.074  -3.050  1.00 3.83  ? 9   M3L B N   1 
HETATM 448 C CA  . M3L B 2 5  ? 4.297   -2.898  -3.105  1.00 2.52  ? 9   M3L B CA  1 
HETATM 449 C CB  . M3L B 2 5  ? 5.469   -3.055  -2.121  1.00 6.71  ? 9   M3L B CB  1 
HETATM 450 C CG  . M3L B 2 5  ? 6.168   -1.798  -1.710  1.00 7.41  ? 9   M3L B CG  1 
HETATM 451 C CD  . M3L B 2 5  ? 7.204   -2.300  -0.714  1.00 13.78 ? 9   M3L B CD  1 
HETATM 452 C CE  . M3L B 2 5  ? 7.749   -1.131  0.059   1.00 16.82 ? 9   M3L B CE  1 
HETATM 453 N NZ  . M3L B 2 5  ? 8.873   -1.417  1.014   1.00 7.67  ? 9   M3L B NZ  1 
HETATM 454 C C   . M3L B 2 5  ? 4.793   -2.693  -4.528  1.00 7.87  ? 9   M3L B C   1 
HETATM 455 O O   . M3L B 2 5  ? 5.586   -3.456  -5.055  1.00 9.86  ? 9   M3L B O   1 
HETATM 456 C CM1 . M3L B 2 5  ? 9.340   -0.088  1.508   1.00 8.95  ? 9   M3L B CM1 1 
HETATM 457 C CM2 . M3L B 2 5  ? 9.985   -2.184  0.373   1.00 9.80  ? 9   M3L B CM2 1 
HETATM 458 C CM3 . M3L B 2 5  ? 8.375   -2.216  2.176   1.00 6.64  ? 9   M3L B CM3 1 
ATOM   459 N N   . SER B 2 6  ? 4.272   -1.655  -5.181  1.00 10.22 ? 10  SER B N   1 
ATOM   460 C CA  . SER B 2 6  ? 4.579   -1.401  -6.594  1.00 10.35 ? 10  SER B CA  1 
ATOM   461 C C   . SER B 2 6  ? 6.073   -1.254  -6.851  1.00 18.32 ? 10  SER B C   1 
ATOM   462 O O   . SER B 2 6  ? 6.814   -0.691  -6.039  1.00 17.09 ? 10  SER B O   1 
ATOM   463 C CB  . SER B 2 6  ? 3.857   -0.137  -7.072  1.00 15.56 ? 10  SER B CB  1 
ATOM   464 O OG  A SER B 2 6  ? 2.546   -0.069  -6.557  0.55 17.40 ? 10  SER B OG  1 
ATOM   465 O OXT . SER B 2 6  ? 6.563   -1.690  -7.895  1.00 19.01 ? 10  SER B OXT 1 
HETATM 466 S S   . SO4 C 3 .  ? -5.600  14.069  -10.712 1.00 5.65  ? 201 SO4 A S   1 
HETATM 467 O O1  . SO4 C 3 .  ? -5.907  15.394  -10.184 1.00 6.25  ? 201 SO4 A O1  1 
HETATM 468 O O2  . SO4 C 3 .  ? -6.484  13.052  -10.144 1.00 5.49  ? 201 SO4 A O2  1 
HETATM 469 O O3  . SO4 C 3 .  ? -5.811  14.078  -12.169 1.00 6.66  ? 201 SO4 A O3  1 
HETATM 470 O O4  . SO4 C 3 .  ? -4.199  13.747  -10.392 1.00 5.69  ? 201 SO4 A O4  1 
HETATM 471 S S   . SO4 D 3 .  ? 2.666   8.166   -11.176 1.00 39.41 ? 202 SO4 A S   1 
HETATM 472 O O1  . SO4 D 3 .  ? 1.401   8.299   -10.453 1.00 30.73 ? 202 SO4 A O1  1 
HETATM 473 O O2  . SO4 D 3 .  ? 2.380   7.868   -12.576 1.00 35.80 ? 202 SO4 A O2  1 
HETATM 474 O O3  . SO4 D 3 .  ? 3.413   9.415   -11.082 1.00 33.66 ? 202 SO4 A O3  1 
HETATM 475 O O4  . SO4 D 3 .  ? 3.468   7.088   -10.605 1.00 34.94 ? 202 SO4 A O4  1 
HETATM 476 S S   . SO4 E 3 .  ? 9.970   5.250   12.474  1.00 26.84 ? 203 SO4 A S   1 
HETATM 477 O O1  . SO4 E 3 .  ? 9.098   4.084   12.301  1.00 18.67 ? 203 SO4 A O1  1 
HETATM 478 O O2  . SO4 E 3 .  ? 9.230   6.336   13.120  1.00 38.87 ? 203 SO4 A O2  1 
HETATM 479 O O3  . SO4 E 3 .  ? 10.437  5.766   11.188  1.00 19.49 ? 203 SO4 A O3  1 
HETATM 480 O O4  . SO4 E 3 .  ? 11.142  4.875   13.273  1.00 22.73 ? 203 SO4 A O4  1 
HETATM 481 O O   . HOH F 4 .  ? -4.470  -6.704  -8.542  1.00 21.49 ? 301 HOH A O   1 
HETATM 482 O O   . HOH F 4 .  ? 6.023   -12.350 7.277   1.00 22.99 ? 302 HOH A O   1 
HETATM 483 O O   . HOH F 4 .  ? 6.383   5.257   13.172  1.00 20.98 ? 303 HOH A O   1 
HETATM 484 O O   . HOH F 4 .  ? 4.736   10.800  -12.779 1.00 18.58 ? 304 HOH A O   1 
HETATM 485 O O   . HOH F 4 .  ? -0.770  13.500  -6.855  1.00 14.08 ? 305 HOH A O   1 
HETATM 486 O O   . HOH F 4 .  ? -3.387  -17.120 -1.078  1.00 21.96 ? 306 HOH A O   1 
HETATM 487 O O   . HOH F 4 .  ? -9.958  -9.254  -3.014  1.00 13.33 ? 307 HOH A O   1 
HETATM 488 O O   . HOH F 4 .  ? -3.916  13.693  -13.990 1.00 9.02  ? 308 HOH A O   1 
HETATM 489 O O   . HOH F 4 .  ? 5.981   1.156   -4.046  1.00 11.82 ? 309 HOH A O   1 
HETATM 490 O O   . HOH F 4 .  ? -3.364  14.141  -7.799  1.00 6.82  ? 310 HOH A O   1 
HETATM 491 O O   . HOH F 4 .  ? -12.904 -0.750  -1.037  1.00 7.28  ? 311 HOH A O   1 
HETATM 492 O O   . HOH F 4 .  ? -7.252  -5.923  -6.370  1.00 19.87 ? 312 HOH A O   1 
HETATM 493 O O   . HOH F 4 .  ? 6.478   -5.006  5.715   1.00 8.81  ? 313 HOH A O   1 
HETATM 494 O O   . HOH F 4 .  ? -5.538  3.281   -7.726  1.00 9.60  ? 314 HOH A O   1 
HETATM 495 O O   . HOH F 4 .  ? 7.388   9.333   4.800   1.00 22.12 ? 315 HOH A O   1 
HETATM 496 O O   . HOH F 4 .  ? 8.432   1.322   12.254  1.00 8.80  ? 316 HOH A O   1 
HETATM 497 O O   . HOH F 4 .  ? 6.935   2.344   5.875   1.00 6.02  ? 317 HOH A O   1 
HETATM 498 O O   . HOH F 4 .  ? -3.128  6.656   -10.602 1.00 10.07 ? 318 HOH A O   1 
HETATM 499 O O   . HOH F 4 .  ? -3.738  13.117  0.706   1.00 14.74 ? 319 HOH A O   1 
HETATM 500 O O   . HOH F 4 .  ? 6.630   -1.592  12.227  1.00 14.96 ? 320 HOH A O   1 
HETATM 501 O O   . HOH F 4 .  ? 4.904   -10.557 3.453   1.00 23.27 ? 321 HOH A O   1 
HETATM 502 O O   . HOH F 4 .  ? 1.939   -0.087  15.679  1.00 26.18 ? 322 HOH A O   1 
HETATM 503 O O   . HOH F 4 .  ? -5.387  -15.453 -4.266  1.00 29.11 ? 323 HOH A O   1 
HETATM 504 O O   . HOH F 4 .  ? 3.220   -9.037  -7.606  1.00 21.40 ? 324 HOH A O   1 
HETATM 505 O O   . HOH F 4 .  ? 3.739   3.658   14.085  1.00 18.89 ? 325 HOH A O   1 
HETATM 506 O O   . HOH F 4 .  ? 0.771   2.746   13.393  1.00 20.39 ? 326 HOH A O   1 
HETATM 507 O O   . HOH F 4 .  ? -6.256  0.426   -8.191  1.00 17.56 ? 327 HOH A O   1 
HETATM 508 O O   . HOH F 4 .  ? 6.253   6.613   -10.765 1.00 32.43 ? 328 HOH A O   1 
HETATM 509 O O   . HOH F 4 .  ? 10.195  3.095   0.391   1.00 15.31 ? 329 HOH A O   1 
HETATM 510 O O   . HOH F 4 .  ? 1.208   -15.571 -6.185  1.00 42.71 ? 330 HOH A O   1 
HETATM 511 O O   . HOH F 4 .  ? 6.138   1.277   13.961  1.00 17.46 ? 331 HOH A O   1 
HETATM 512 O O   . HOH F 4 .  ? 6.605   -7.974  5.138   1.00 19.72 ? 332 HOH A O   1 
HETATM 513 O O   . HOH F 4 .  ? 5.500   -11.505 -1.384  1.00 15.84 ? 333 HOH A O   1 
HETATM 514 O O   . HOH F 4 .  ? 0.310   13.388  -2.471  1.00 16.00 ? 334 HOH A O   1 
HETATM 515 O O   . HOH F 4 .  ? 14.424  6.936   8.801   1.00 19.18 ? 335 HOH A O   1 
HETATM 516 O O   . HOH F 4 .  ? -2.413  5.506   10.379  1.00 17.24 ? 336 HOH A O   1 
HETATM 517 O O   . HOH F 4 .  ? -11.470 5.846   -10.521 1.00 19.25 ? 337 HOH A O   1 
HETATM 518 O O   . HOH F 4 .  ? 5.340   6.539   -3.056  1.00 16.44 ? 338 HOH A O   1 
HETATM 519 O O   . HOH F 4 .  ? -9.305  4.022   -7.957  1.00 14.26 ? 339 HOH A O   1 
HETATM 520 O O   . HOH F 4 .  ? -9.250  -4.100  -6.293  1.00 15.36 ? 340 HOH A O   1 
HETATM 521 O O   . HOH F 4 .  ? 1.680   6.644   -7.645  1.00 20.62 ? 341 HOH A O   1 
HETATM 522 O O   . HOH F 4 .  ? -3.308  4.387   -9.087  1.00 9.92  ? 342 HOH A O   1 
HETATM 523 O O   . HOH F 4 .  ? 0.892   -7.410  8.836   1.00 12.88 ? 343 HOH A O   1 
HETATM 524 O O   . HOH F 4 .  ? 4.801   9.682   5.061   1.00 23.72 ? 344 HOH A O   1 
HETATM 525 O O   . HOH F 4 .  ? -2.227  14.133  -1.346  1.00 23.49 ? 345 HOH A O   1 
HETATM 526 O O   . HOH F 4 .  ? -5.319  -9.656  -8.708  1.00 30.77 ? 346 HOH A O   1 
HETATM 527 O O   . HOH F 4 .  ? -11.551 -5.867  -5.357  1.00 20.05 ? 347 HOH A O   1 
HETATM 528 O O   . HOH F 4 .  ? 0.740   -10.175 9.462   1.00 17.17 ? 348 HOH A O   1 
HETATM 529 O O   . HOH F 4 .  ? -4.922  -0.800  10.471  1.00 32.94 ? 349 HOH A O   1 
HETATM 530 O O   . HOH F 4 .  ? 4.762   9.124   -16.417 1.00 31.37 ? 350 HOH A O   1 
HETATM 531 O O   . HOH F 4 .  ? -2.709  2.323   -10.844 1.00 18.62 ? 351 HOH A O   1 
HETATM 532 O O   . HOH G 4 .  ? -1.918  -8.146  11.995  1.00 13.07 ? 101 HOH B O   1 
HETATM 533 O O   . HOH G 4 .  ? 8.303   -3.588  -4.162  1.00 14.08 ? 102 HOH B O   1 
HETATM 534 O O   . HOH G 4 .  ? -2.291  -3.937  10.460  1.00 18.68 ? 103 HOH B O   1 
HETATM 535 O O   . HOH G 4 .  ? 5.118   -2.808  -10.219 1.00 26.45 ? 104 HOH B O   1 
HETATM 536 O O   . HOH G 4 .  ? 9.106   -3.194  -7.044  1.00 28.37 ? 105 HOH B O   1 
HETATM 537 O O   . HOH G 4 .  ? 1.501   -3.342  -8.638  1.00 27.14 ? 106 HOH B O   1 
HETATM 538 O O   . HOH G 4 .  ? 1.177   -0.213  -9.619  1.00 30.71 ? 107 HOH B O   1 
HETATM 539 O O   . HOH G 4 .  ? 10.066  1.382   -1.467  1.00 22.12 ? 108 HOH B O   1 
# 
loop_
_pdbx_poly_seq_scheme.asym_id 
_pdbx_poly_seq_scheme.entity_id 
_pdbx_poly_seq_scheme.seq_id 
_pdbx_poly_seq_scheme.mon_id 
_pdbx_poly_seq_scheme.ndb_seq_num 
_pdbx_poly_seq_scheme.pdb_seq_num 
_pdbx_poly_seq_scheme.auth_seq_num 
_pdbx_poly_seq_scheme.pdb_mon_id 
_pdbx_poly_seq_scheme.auth_mon_id 
_pdbx_poly_seq_scheme.pdb_strand_id 
_pdbx_poly_seq_scheme.pdb_ins_code 
_pdbx_poly_seq_scheme.hetero 
A 1 1  GLY 1  105 105 GLY GLY A . n 
A 1 2  GLY 2  106 106 GLY GLY A . n 
A 1 3  PHE 3  107 107 PHE PHE A . n 
A 1 4  TYR 4  108 108 TYR TYR A . n 
A 1 5  GLU 5  109 109 GLU GLU A . n 
A 1 6  ILE 6  110 110 ILE ILE A . n 
A 1 7  GLU 7  111 111 GLU GLU A . n 
A 1 8  ALA 8  112 112 ALA ALA A . n 
A 1 9  ILE 9  113 113 ILE ILE A . n 
A 1 10 ARG 10 114 114 ARG ARG A . n 
A 1 11 ARG 11 115 115 ARG ARG A . n 
A 1 12 LYS 12 116 116 LYS LYS A . n 
A 1 13 ARG 13 117 117 ARG ARG A . n 
A 1 14 VAL 14 118 118 VAL VAL A . n 
A 1 15 ARG 15 119 119 ARG ARG A . n 
A 1 16 LYS 16 120 120 LYS LYS A . n 
A 1 17 GLY 17 121 121 GLY GLY A . n 
A 1 18 LYS 18 122 122 LYS LYS A . n 
A 1 19 VAL 19 123 123 VAL VAL A . n 
A 1 20 GLN 20 124 124 GLN GLN A . n 
A 1 21 TYR 21 125 125 TYR TYR A . n 
A 1 22 LEU 22 126 126 LEU LEU A . n 
A 1 23 ILE 23 127 127 ILE ILE A . n 
A 1 24 LYS 24 128 128 LYS LYS A . n 
A 1 25 TRP 25 129 129 TRP TRP A . n 
A 1 26 ARG 26 130 130 ARG ARG A . n 
A 1 27 GLY 27 131 131 GLY GLY A . n 
A 1 28 TRP 28 132 132 TRP TRP A . n 
A 1 29 PRO 29 133 133 PRO PRO A . n 
A 1 30 GLU 30 134 134 GLU GLU A . n 
A 1 31 THR 31 135 135 THR THR A . n 
A 1 32 ALA 32 136 136 ALA ALA A . n 
A 1 33 ASN 33 137 137 ASN ASN A . n 
A 1 34 THR 34 138 138 THR THR A . n 
A 1 35 TRP 35 139 139 TRP TRP A . n 
A 1 36 GLU 36 140 140 GLU GLU A . n 
A 1 37 PRO 37 141 141 PRO PRO A . n 
A 1 38 LEU 38 142 142 LEU LEU A . n 
A 1 39 GLU 39 143 143 GLU GLU A . n 
A 1 40 ASN 40 144 144 ASN ASN A . n 
A 1 41 LEU 41 145 145 LEU LEU A . n 
A 1 42 GLN 42 146 146 GLN GLN A . n 
A 1 43 SER 43 147 147 SER SER A . n 
A 1 44 ILE 44 148 148 ILE ILE A . n 
A 1 45 ALA 45 149 149 ALA ALA A . n 
A 1 46 ASP 46 150 150 ASP ASP A . n 
A 1 47 VAL 47 151 151 VAL VAL A . n 
A 1 48 ILE 48 152 ?   ?   ?   A . n 
A 1 49 ASP 49 153 ?   ?   ?   A . n 
A 1 50 ALA 50 154 ?   ?   ?   A . n 
A 1 51 PHE 51 155 ?   ?   ?   A . n 
A 1 52 GLU 52 156 ?   ?   ?   A . n 
A 1 53 GLY 53 157 ?   ?   ?   A . n 
A 1 54 SER 54 158 ?   ?   ?   A . n 
A 1 55 LEU 55 159 ?   ?   ?   A . n 
A 1 56 LYS 56 160 ?   ?   ?   A . n 
B 2 1  PCA 1  5   5   PCA 5HP B . n 
B 2 2  THR 2  6   6   THR THR B . n 
B 2 3  ALA 3  7   7   ALA ALA B . n 
B 2 4  ARG 4  8   8   ARG ARG B . n 
B 2 5  M3L 5  9   9   M3L M3L B . n 
B 2 6  SER 6  10  10  SER SER B . n 
# 
_pdbx_contact_author.id                 2 
_pdbx_contact_author.email              yanliliu81@163.com 
_pdbx_contact_author.name_first         Yanli 
_pdbx_contact_author.name_last          Liu 
_pdbx_contact_author.name_mi            ? 
_pdbx_contact_author.role               'principal investigator/group leader' 
_pdbx_contact_author.identifier_ORCID   0000-0003-0197-7617 
# 
loop_
_pdbx_nonpoly_scheme.asym_id 
_pdbx_nonpoly_scheme.entity_id 
_pdbx_nonpoly_scheme.mon_id 
_pdbx_nonpoly_scheme.ndb_seq_num 
_pdbx_nonpoly_scheme.pdb_seq_num 
_pdbx_nonpoly_scheme.auth_seq_num 
_pdbx_nonpoly_scheme.pdb_mon_id 
_pdbx_nonpoly_scheme.auth_mon_id 
_pdbx_nonpoly_scheme.pdb_strand_id 
_pdbx_nonpoly_scheme.pdb_ins_code 
C 3 SO4 1  201 1  SO4 SO4 A . 
D 3 SO4 1  202 2  SO4 SO4 A . 
E 3 SO4 1  203 3  SO4 SO4 A . 
F 4 HOH 1  301 23 HOH HOH A . 
F 4 HOH 2  302 58 HOH HOH A . 
F 4 HOH 3  303 39 HOH HOH A . 
F 4 HOH 4  304 57 HOH HOH A . 
F 4 HOH 5  305 20 HOH HOH A . 
F 4 HOH 6  306 53 HOH HOH A . 
F 4 HOH 7  307 4  HOH HOH A . 
F 4 HOH 8  308 11 HOH HOH A . 
F 4 HOH 9  309 14 HOH HOH A . 
F 4 HOH 10 310 2  HOH HOH A . 
F 4 HOH 11 311 41 HOH HOH A . 
F 4 HOH 12 312 48 HOH HOH A . 
F 4 HOH 13 313 7  HOH HOH A . 
F 4 HOH 14 314 42 HOH HOH A . 
F 4 HOH 15 315 28 HOH HOH A . 
F 4 HOH 16 316 44 HOH HOH A . 
F 4 HOH 17 317 12 HOH HOH A . 
F 4 HOH 18 318 1  HOH HOH A . 
F 4 HOH 19 319 18 HOH HOH A . 
F 4 HOH 20 320 43 HOH HOH A . 
F 4 HOH 21 321 33 HOH HOH A . 
F 4 HOH 22 322 49 HOH HOH A . 
F 4 HOH 23 323 54 HOH HOH A . 
F 4 HOH 24 324 47 HOH HOH A . 
F 4 HOH 25 325 25 HOH HOH A . 
F 4 HOH 26 326 50 HOH HOH A . 
F 4 HOH 27 327 13 HOH HOH A . 
F 4 HOH 28 328 36 HOH HOH A . 
F 4 HOH 29 329 19 HOH HOH A . 
F 4 HOH 30 330 55 HOH HOH A . 
F 4 HOH 31 331 24 HOH HOH A . 
F 4 HOH 32 332 8  HOH HOH A . 
F 4 HOH 33 333 16 HOH HOH A . 
F 4 HOH 34 334 46 HOH HOH A . 
F 4 HOH 35 335 32 HOH HOH A . 
F 4 HOH 36 336 27 HOH HOH A . 
F 4 HOH 37 337 31 HOH HOH A . 
F 4 HOH 38 338 3  HOH HOH A . 
F 4 HOH 39 339 5  HOH HOH A . 
F 4 HOH 40 340 15 HOH HOH A . 
F 4 HOH 41 341 21 HOH HOH A . 
F 4 HOH 42 342 40 HOH HOH A . 
F 4 HOH 43 343 9  HOH HOH A . 
F 4 HOH 44 344 38 HOH HOH A . 
F 4 HOH 45 345 60 HOH HOH A . 
F 4 HOH 46 346 17 HOH HOH A . 
F 4 HOH 47 347 37 HOH HOH A . 
F 4 HOH 48 348 10 HOH HOH A . 
F 4 HOH 49 349 56 HOH HOH A . 
F 4 HOH 50 350 30 HOH HOH A . 
F 4 HOH 51 351 45 HOH HOH A . 
G 4 HOH 1  101 34 HOH HOH B . 
G 4 HOH 2  102 6  HOH HOH B . 
G 4 HOH 3  103 29 HOH HOH B . 
G 4 HOH 4  104 22 HOH HOH B . 
G 4 HOH 5  105 51 HOH HOH B . 
G 4 HOH 6  106 59 HOH HOH B . 
G 4 HOH 7  107 52 HOH HOH B . 
G 4 HOH 8  108 35 HOH HOH B . 
# 
_pdbx_struct_assembly.id                   1 
_pdbx_struct_assembly.details              author_and_software_defined_assembly 
_pdbx_struct_assembly.method_details       PISA 
_pdbx_struct_assembly.oligomeric_details   dimeric 
_pdbx_struct_assembly.oligomeric_count     2 
# 
_pdbx_struct_assembly_gen.assembly_id       1 
_pdbx_struct_assembly_gen.oper_expression   1 
_pdbx_struct_assembly_gen.asym_id_list      A,B,C,D,E,F,G 
# 
loop_
_pdbx_struct_assembly_prop.biol_id 
_pdbx_struct_assembly_prop.type 
_pdbx_struct_assembly_prop.value 
_pdbx_struct_assembly_prop.details 
1 'ABSA (A^2)' 1540 ? 
1 MORE         -30  ? 
1 'SSA (A^2)'  4050 ? 
# 
_pdbx_struct_oper_list.id                   1 
_pdbx_struct_oper_list.type                 'identity operation' 
_pdbx_struct_oper_list.name                 1_555 
_pdbx_struct_oper_list.symmetry_operation   x,y,z 
_pdbx_struct_oper_list.matrix[1][1]         1.0000000000 
_pdbx_struct_oper_list.matrix[1][2]         0.0000000000 
_pdbx_struct_oper_list.matrix[1][3]         0.0000000000 
_pdbx_struct_oper_list.vector[1]            0.0000000000 
_pdbx_struct_oper_list.matrix[2][1]         0.0000000000 
_pdbx_struct_oper_list.matrix[2][2]         1.0000000000 
_pdbx_struct_oper_list.matrix[2][3]         0.0000000000 
_pdbx_struct_oper_list.vector[2]            0.0000000000 
_pdbx_struct_oper_list.matrix[3][1]         0.0000000000 
_pdbx_struct_oper_list.matrix[3][2]         0.0000000000 
_pdbx_struct_oper_list.matrix[3][3]         1.0000000000 
_pdbx_struct_oper_list.vector[3]            0.0000000000 
# 
loop_
_pdbx_audit_revision_history.ordinal 
_pdbx_audit_revision_history.data_content_type 
_pdbx_audit_revision_history.major_revision 
_pdbx_audit_revision_history.minor_revision 
_pdbx_audit_revision_history.revision_date 
1 'Structure model' 1 0 2022-02-02 
2 'Structure model' 1 1 2022-02-16 
3 'Structure model' 1 2 2022-03-09 
4 'Structure model' 1 3 2023-11-29 
# 
_pdbx_audit_revision_details.ordinal             1 
_pdbx_audit_revision_details.revision_ordinal    1 
_pdbx_audit_revision_details.data_content_type   'Structure model' 
_pdbx_audit_revision_details.provider            repository 
_pdbx_audit_revision_details.type                'Initial release' 
_pdbx_audit_revision_details.description         ? 
_pdbx_audit_revision_details.details             ? 
# 
loop_
_pdbx_audit_revision_group.ordinal 
_pdbx_audit_revision_group.revision_ordinal 
_pdbx_audit_revision_group.data_content_type 
_pdbx_audit_revision_group.group 
1 2 'Structure model' 'Database references'    
2 3 'Structure model' 'Database references'    
3 4 'Structure model' 'Data collection'        
4 4 'Structure model' 'Refinement description' 
# 
loop_
_pdbx_audit_revision_category.ordinal 
_pdbx_audit_revision_category.revision_ordinal 
_pdbx_audit_revision_category.data_content_type 
_pdbx_audit_revision_category.category 
1 2 'Structure model' citation                      
2 3 'Structure model' citation                      
3 4 'Structure model' chem_comp_atom                
4 4 'Structure model' chem_comp_bond                
5 4 'Structure model' pdbx_initial_refinement_model 
# 
loop_
_pdbx_audit_revision_item.ordinal 
_pdbx_audit_revision_item.revision_ordinal 
_pdbx_audit_revision_item.data_content_type 
_pdbx_audit_revision_item.item 
1 2 'Structure model' '_citation.page_first'              
2 2 'Structure model' '_citation.page_last'               
3 2 'Structure model' '_citation.pdbx_database_id_PubMed' 
4 2 'Structure model' '_citation.title'                   
5 3 'Structure model' '_citation.journal_volume'          
# 
loop_
_software.citation_id 
_software.classification 
_software.compiler_name 
_software.compiler_version 
_software.contact_author 
_software.contact_author_email 
_software.date 
_software.description 
_software.dependencies 
_software.hardware 
_software.language 
_software.location 
_software.mods 
_software.name 
_software.os 
_software.os_version 
_software.type 
_software.version 
_software.pdbx_ordinal 
? refinement        ? ? ? ? ? ? ? ? ? ? ? PHENIX      ? ? ? 1.19_4092 1 
? 'data extraction' ? ? ? ? ? ? ? ? ? ? ? PDB_EXTRACT ? ? ? 3.27      2 
? 'data reduction'  ? ? ? ? ? ? ? ? ? ? ? HKL-2000    ? ? ? .         3 
? 'data scaling'    ? ? ? ? ? ? ? ? ? ? ? HKL-2000    ? ? ? .         4 
? phasing           ? ? ? ? ? ? ? ? ? ? ? MOLREP      ? ? ? .         5 
# 
_pdbx_entry_details.entry_id                 7VYW 
_pdbx_entry_details.has_ligand_of_interest   Y 
_pdbx_entry_details.compound_details         ? 
_pdbx_entry_details.source_details           ? 
_pdbx_entry_details.nonpolymer_details       ? 
_pdbx_entry_details.sequence_details         ? 
# 
loop_
_pdbx_unobs_or_zero_occ_atoms.id 
_pdbx_unobs_or_zero_occ_atoms.PDB_model_num 
_pdbx_unobs_or_zero_occ_atoms.polymer_flag 
_pdbx_unobs_or_zero_occ_atoms.occupancy_flag 
_pdbx_unobs_or_zero_occ_atoms.auth_asym_id 
_pdbx_unobs_or_zero_occ_atoms.auth_comp_id 
_pdbx_unobs_or_zero_occ_atoms.auth_seq_id 
_pdbx_unobs_or_zero_occ_atoms.PDB_ins_code 
_pdbx_unobs_or_zero_occ_atoms.auth_atom_id 
_pdbx_unobs_or_zero_occ_atoms.label_alt_id 
_pdbx_unobs_or_zero_occ_atoms.label_asym_id 
_pdbx_unobs_or_zero_occ_atoms.label_comp_id 
_pdbx_unobs_or_zero_occ_atoms.label_seq_id 
_pdbx_unobs_or_zero_occ_atoms.label_atom_id 
1  1 Y 1 A LYS 122 ? CE  ? A LYS 18 CE  
2  1 Y 1 A LYS 122 ? NZ  ? A LYS 18 NZ  
3  1 Y 1 A GLU 143 ? CD  ? A GLU 39 CD  
4  1 Y 1 A GLU 143 ? OE1 ? A GLU 39 OE1 
5  1 Y 1 A GLU 143 ? OE2 ? A GLU 39 OE2 
6  1 Y 1 A VAL 151 ? C   ? A VAL 47 C   
7  1 Y 1 A VAL 151 ? O   ? A VAL 47 O   
8  1 Y 1 A VAL 151 ? CB  ? A VAL 47 CB  
9  1 Y 1 A VAL 151 ? CG1 ? A VAL 47 CG1 
10 1 Y 1 A VAL 151 ? CG2 ? A VAL 47 CG2 
# 
loop_
_pdbx_unobs_or_zero_occ_residues.id 
_pdbx_unobs_or_zero_occ_residues.PDB_model_num 
_pdbx_unobs_or_zero_occ_residues.polymer_flag 
_pdbx_unobs_or_zero_occ_residues.occupancy_flag 
_pdbx_unobs_or_zero_occ_residues.auth_asym_id 
_pdbx_unobs_or_zero_occ_residues.auth_comp_id 
_pdbx_unobs_or_zero_occ_residues.auth_seq_id 
_pdbx_unobs_or_zero_occ_residues.PDB_ins_code 
_pdbx_unobs_or_zero_occ_residues.label_asym_id 
_pdbx_unobs_or_zero_occ_residues.label_comp_id 
_pdbx_unobs_or_zero_occ_residues.label_seq_id 
1 1 Y 1 A ILE 152 ? A ILE 48 
2 1 Y 1 A ASP 153 ? A ASP 49 
3 1 Y 1 A ALA 154 ? A ALA 50 
4 1 Y 1 A PHE 155 ? A PHE 51 
5 1 Y 1 A GLU 156 ? A GLU 52 
6 1 Y 1 A GLY 157 ? A GLY 53 
7 1 Y 1 A SER 158 ? A SER 54 
8 1 Y 1 A LEU 159 ? A LEU 55 
9 1 Y 1 A LYS 160 ? A LYS 56 
# 
loop_
_chem_comp_atom.comp_id 
_chem_comp_atom.atom_id 
_chem_comp_atom.type_symbol 
_chem_comp_atom.pdbx_aromatic_flag 
_chem_comp_atom.pdbx_stereo_config 
_chem_comp_atom.pdbx_ordinal 
ALA N    N N N 1   
ALA CA   C N S 2   
ALA C    C N N 3   
ALA O    O N N 4   
ALA CB   C N N 5   
ALA OXT  O N N 6   
ALA H    H N N 7   
ALA H2   H N N 8   
ALA HA   H N N 9   
ALA HB1  H N N 10  
ALA HB2  H N N 11  
ALA HB3  H N N 12  
ALA HXT  H N N 13  
ARG N    N N N 14  
ARG CA   C N S 15  
ARG C    C N N 16  
ARG O    O N N 17  
ARG CB   C N N 18  
ARG CG   C N N 19  
ARG CD   C N N 20  
ARG NE   N N N 21  
ARG CZ   C N N 22  
ARG NH1  N N N 23  
ARG NH2  N N N 24  
ARG OXT  O N N 25  
ARG H    H N N 26  
ARG H2   H N N 27  
ARG HA   H N N 28  
ARG HB2  H N N 29  
ARG HB3  H N N 30  
ARG HG2  H N N 31  
ARG HG3  H N N 32  
ARG HD2  H N N 33  
ARG HD3  H N N 34  
ARG HE   H N N 35  
ARG HH11 H N N 36  
ARG HH12 H N N 37  
ARG HH21 H N N 38  
ARG HH22 H N N 39  
ARG HXT  H N N 40  
ASN N    N N N 41  
ASN CA   C N S 42  
ASN C    C N N 43  
ASN O    O N N 44  
ASN CB   C N N 45  
ASN CG   C N N 46  
ASN OD1  O N N 47  
ASN ND2  N N N 48  
ASN OXT  O N N 49  
ASN H    H N N 50  
ASN H2   H N N 51  
ASN HA   H N N 52  
ASN HB2  H N N 53  
ASN HB3  H N N 54  
ASN HD21 H N N 55  
ASN HD22 H N N 56  
ASN HXT  H N N 57  
ASP N    N N N 58  
ASP CA   C N S 59  
ASP C    C N N 60  
ASP O    O N N 61  
ASP CB   C N N 62  
ASP CG   C N N 63  
ASP OD1  O N N 64  
ASP OD2  O N N 65  
ASP OXT  O N N 66  
ASP H    H N N 67  
ASP H2   H N N 68  
ASP HA   H N N 69  
ASP HB2  H N N 70  
ASP HB3  H N N 71  
ASP HD2  H N N 72  
ASP HXT  H N N 73  
GLN N    N N N 74  
GLN CA   C N S 75  
GLN C    C N N 76  
GLN O    O N N 77  
GLN CB   C N N 78  
GLN CG   C N N 79  
GLN CD   C N N 80  
GLN OE1  O N N 81  
GLN NE2  N N N 82  
GLN OXT  O N N 83  
GLN H    H N N 84  
GLN H2   H N N 85  
GLN HA   H N N 86  
GLN HB2  H N N 87  
GLN HB3  H N N 88  
GLN HG2  H N N 89  
GLN HG3  H N N 90  
GLN HE21 H N N 91  
GLN HE22 H N N 92  
GLN HXT  H N N 93  
GLU N    N N N 94  
GLU CA   C N S 95  
GLU C    C N N 96  
GLU O    O N N 97  
GLU CB   C N N 98  
GLU CG   C N N 99  
GLU CD   C N N 100 
GLU OE1  O N N 101 
GLU OE2  O N N 102 
GLU OXT  O N N 103 
GLU H    H N N 104 
GLU H2   H N N 105 
GLU HA   H N N 106 
GLU HB2  H N N 107 
GLU HB3  H N N 108 
GLU HG2  H N N 109 
GLU HG3  H N N 110 
GLU HE2  H N N 111 
GLU HXT  H N N 112 
GLY N    N N N 113 
GLY CA   C N N 114 
GLY C    C N N 115 
GLY O    O N N 116 
GLY OXT  O N N 117 
GLY H    H N N 118 
GLY H2   H N N 119 
GLY HA2  H N N 120 
GLY HA3  H N N 121 
GLY HXT  H N N 122 
HOH O    O N N 123 
HOH H1   H N N 124 
HOH H2   H N N 125 
ILE N    N N N 126 
ILE CA   C N S 127 
ILE C    C N N 128 
ILE O    O N N 129 
ILE CB   C N S 130 
ILE CG1  C N N 131 
ILE CG2  C N N 132 
ILE CD1  C N N 133 
ILE OXT  O N N 134 
ILE H    H N N 135 
ILE H2   H N N 136 
ILE HA   H N N 137 
ILE HB   H N N 138 
ILE HG12 H N N 139 
ILE HG13 H N N 140 
ILE HG21 H N N 141 
ILE HG22 H N N 142 
ILE HG23 H N N 143 
ILE HD11 H N N 144 
ILE HD12 H N N 145 
ILE HD13 H N N 146 
ILE HXT  H N N 147 
LEU N    N N N 148 
LEU CA   C N S 149 
LEU C    C N N 150 
LEU O    O N N 151 
LEU CB   C N N 152 
LEU CG   C N N 153 
LEU CD1  C N N 154 
LEU CD2  C N N 155 
LEU OXT  O N N 156 
LEU H    H N N 157 
LEU H2   H N N 158 
LEU HA   H N N 159 
LEU HB2  H N N 160 
LEU HB3  H N N 161 
LEU HG   H N N 162 
LEU HD11 H N N 163 
LEU HD12 H N N 164 
LEU HD13 H N N 165 
LEU HD21 H N N 166 
LEU HD22 H N N 167 
LEU HD23 H N N 168 
LEU HXT  H N N 169 
LYS N    N N N 170 
LYS CA   C N S 171 
LYS C    C N N 172 
LYS O    O N N 173 
LYS CB   C N N 174 
LYS CG   C N N 175 
LYS CD   C N N 176 
LYS CE   C N N 177 
LYS NZ   N N N 178 
LYS OXT  O N N 179 
LYS H    H N N 180 
LYS H2   H N N 181 
LYS HA   H N N 182 
LYS HB2  H N N 183 
LYS HB3  H N N 184 
LYS HG2  H N N 185 
LYS HG3  H N N 186 
LYS HD2  H N N 187 
LYS HD3  H N N 188 
LYS HE2  H N N 189 
LYS HE3  H N N 190 
LYS HZ1  H N N 191 
LYS HZ2  H N N 192 
LYS HZ3  H N N 193 
LYS HXT  H N N 194 
M3L N    N N N 195 
M3L CA   C N S 196 
M3L CB   C N N 197 
M3L CG   C N N 198 
M3L CD   C N N 199 
M3L CE   C N N 200 
M3L NZ   N N N 201 
M3L C    C N N 202 
M3L O    O N N 203 
M3L OXT  O N N 204 
M3L CM1  C N N 205 
M3L CM2  C N N 206 
M3L CM3  C N N 207 
M3L H    H N N 208 
M3L H2   H N N 209 
M3L HA   H N N 210 
M3L HB2  H N N 211 
M3L HB3  H N N 212 
M3L HG2  H N N 213 
M3L HG3  H N N 214 
M3L HD2  H N N 215 
M3L HD3  H N N 216 
M3L HE2  H N N 217 
M3L HE3  H N N 218 
M3L HXT  H N N 219 
M3L HM11 H N N 220 
M3L HM12 H N N 221 
M3L HM13 H N N 222 
M3L HM21 H N N 223 
M3L HM22 H N N 224 
M3L HM23 H N N 225 
M3L HM31 H N N 226 
M3L HM32 H N N 227 
M3L HM33 H N N 228 
PCA N    N N N 229 
PCA CA   C N S 230 
PCA CB   C N N 231 
PCA CG   C N N 232 
PCA CD   C N N 233 
PCA OE   O N N 234 
PCA C    C N N 235 
PCA O    O N N 236 
PCA OXT  O N N 237 
PCA H    H N N 238 
PCA HA   H N N 239 
PCA HB2  H N N 240 
PCA HB3  H N N 241 
PCA HG2  H N N 242 
PCA HG3  H N N 243 
PCA HXT  H N N 244 
PHE N    N N N 245 
PHE CA   C N S 246 
PHE C    C N N 247 
PHE O    O N N 248 
PHE CB   C N N 249 
PHE CG   C Y N 250 
PHE CD1  C Y N 251 
PHE CD2  C Y N 252 
PHE CE1  C Y N 253 
PHE CE2  C Y N 254 
PHE CZ   C Y N 255 
PHE OXT  O N N 256 
PHE H    H N N 257 
PHE H2   H N N 258 
PHE HA   H N N 259 
PHE HB2  H N N 260 
PHE HB3  H N N 261 
PHE HD1  H N N 262 
PHE HD2  H N N 263 
PHE HE1  H N N 264 
PHE HE2  H N N 265 
PHE HZ   H N N 266 
PHE HXT  H N N 267 
PRO N    N N N 268 
PRO CA   C N S 269 
PRO C    C N N 270 
PRO O    O N N 271 
PRO CB   C N N 272 
PRO CG   C N N 273 
PRO CD   C N N 274 
PRO OXT  O N N 275 
PRO H    H N N 276 
PRO HA   H N N 277 
PRO HB2  H N N 278 
PRO HB3  H N N 279 
PRO HG2  H N N 280 
PRO HG3  H N N 281 
PRO HD2  H N N 282 
PRO HD3  H N N 283 
PRO HXT  H N N 284 
SER N    N N N 285 
SER CA   C N S 286 
SER C    C N N 287 
SER O    O N N 288 
SER CB   C N N 289 
SER OG   O N N 290 
SER OXT  O N N 291 
SER H    H N N 292 
SER H2   H N N 293 
SER HA   H N N 294 
SER HB2  H N N 295 
SER HB3  H N N 296 
SER HG   H N N 297 
SER HXT  H N N 298 
SO4 S    S N N 299 
SO4 O1   O N N 300 
SO4 O2   O N N 301 
SO4 O3   O N N 302 
SO4 O4   O N N 303 
THR N    N N N 304 
THR CA   C N S 305 
THR C    C N N 306 
THR O    O N N 307 
THR CB   C N R 308 
THR OG1  O N N 309 
THR CG2  C N N 310 
THR OXT  O N N 311 
THR H    H N N 312 
THR H2   H N N 313 
THR HA   H N N 314 
THR HB   H N N 315 
THR HG1  H N N 316 
THR HG21 H N N 317 
THR HG22 H N N 318 
THR HG23 H N N 319 
THR HXT  H N N 320 
TRP N    N N N 321 
TRP CA   C N S 322 
TRP C    C N N 323 
TRP O    O N N 324 
TRP CB   C N N 325 
TRP CG   C Y N 326 
TRP CD1  C Y N 327 
TRP CD2  C Y N 328 
TRP NE1  N Y N 329 
TRP CE2  C Y N 330 
TRP CE3  C Y N 331 
TRP CZ2  C Y N 332 
TRP CZ3  C Y N 333 
TRP CH2  C Y N 334 
TRP OXT  O N N 335 
TRP H    H N N 336 
TRP H2   H N N 337 
TRP HA   H N N 338 
TRP HB2  H N N 339 
TRP HB3  H N N 340 
TRP HD1  H N N 341 
TRP HE1  H N N 342 
TRP HE3  H N N 343 
TRP HZ2  H N N 344 
TRP HZ3  H N N 345 
TRP HH2  H N N 346 
TRP HXT  H N N 347 
TYR N    N N N 348 
TYR CA   C N S 349 
TYR C    C N N 350 
TYR O    O N N 351 
TYR CB   C N N 352 
TYR CG   C Y N 353 
TYR CD1  C Y N 354 
TYR CD2  C Y N 355 
TYR CE1  C Y N 356 
TYR CE2  C Y N 357 
TYR CZ   C Y N 358 
TYR OH   O N N 359 
TYR OXT  O N N 360 
TYR H    H N N 361 
TYR H2   H N N 362 
TYR HA   H N N 363 
TYR HB2  H N N 364 
TYR HB3  H N N 365 
TYR HD1  H N N 366 
TYR HD2  H N N 367 
TYR HE1  H N N 368 
TYR HE2  H N N 369 
TYR HH   H N N 370 
TYR HXT  H N N 371 
VAL N    N N N 372 
VAL CA   C N S 373 
VAL C    C N N 374 
VAL O    O N N 375 
VAL CB   C N N 376 
VAL CG1  C N N 377 
VAL CG2  C N N 378 
VAL OXT  O N N 379 
VAL H    H N N 380 
VAL H2   H N N 381 
VAL HA   H N N 382 
VAL HB   H N N 383 
VAL HG11 H N N 384 
VAL HG12 H N N 385 
VAL HG13 H N N 386 
VAL HG21 H N N 387 
VAL HG22 H N N 388 
VAL HG23 H N N 389 
VAL HXT  H N N 390 
# 
loop_
_chem_comp_bond.comp_id 
_chem_comp_bond.atom_id_1 
_chem_comp_bond.atom_id_2 
_chem_comp_bond.value_order 
_chem_comp_bond.pdbx_aromatic_flag 
_chem_comp_bond.pdbx_stereo_config 
_chem_comp_bond.pdbx_ordinal 
ALA N   CA   sing N N 1   
ALA N   H    sing N N 2   
ALA N   H2   sing N N 3   
ALA CA  C    sing N N 4   
ALA CA  CB   sing N N 5   
ALA CA  HA   sing N N 6   
ALA C   O    doub N N 7   
ALA C   OXT  sing N N 8   
ALA CB  HB1  sing N N 9   
ALA CB  HB2  sing N N 10  
ALA CB  HB3  sing N N 11  
ALA OXT HXT  sing N N 12  
ARG N   CA   sing N N 13  
ARG N   H    sing N N 14  
ARG N   H2   sing N N 15  
ARG CA  C    sing N N 16  
ARG CA  CB   sing N N 17  
ARG CA  HA   sing N N 18  
ARG C   O    doub N N 19  
ARG C   OXT  sing N N 20  
ARG CB  CG   sing N N 21  
ARG CB  HB2  sing N N 22  
ARG CB  HB3  sing N N 23  
ARG CG  CD   sing N N 24  
ARG CG  HG2  sing N N 25  
ARG CG  HG3  sing N N 26  
ARG CD  NE   sing N N 27  
ARG CD  HD2  sing N N 28  
ARG CD  HD3  sing N N 29  
ARG NE  CZ   sing N N 30  
ARG NE  HE   sing N N 31  
ARG CZ  NH1  sing N N 32  
ARG CZ  NH2  doub N N 33  
ARG NH1 HH11 sing N N 34  
ARG NH1 HH12 sing N N 35  
ARG NH2 HH21 sing N N 36  
ARG NH2 HH22 sing N N 37  
ARG OXT HXT  sing N N 38  
ASN N   CA   sing N N 39  
ASN N   H    sing N N 40  
ASN N   H2   sing N N 41  
ASN CA  C    sing N N 42  
ASN CA  CB   sing N N 43  
ASN CA  HA   sing N N 44  
ASN C   O    doub N N 45  
ASN C   OXT  sing N N 46  
ASN CB  CG   sing N N 47  
ASN CB  HB2  sing N N 48  
ASN CB  HB3  sing N N 49  
ASN CG  OD1  doub N N 50  
ASN CG  ND2  sing N N 51  
ASN ND2 HD21 sing N N 52  
ASN ND2 HD22 sing N N 53  
ASN OXT HXT  sing N N 54  
ASP N   CA   sing N N 55  
ASP N   H    sing N N 56  
ASP N   H2   sing N N 57  
ASP CA  C    sing N N 58  
ASP CA  CB   sing N N 59  
ASP CA  HA   sing N N 60  
ASP C   O    doub N N 61  
ASP C   OXT  sing N N 62  
ASP CB  CG   sing N N 63  
ASP CB  HB2  sing N N 64  
ASP CB  HB3  sing N N 65  
ASP CG  OD1  doub N N 66  
ASP CG  OD2  sing N N 67  
ASP OD2 HD2  sing N N 68  
ASP OXT HXT  sing N N 69  
GLN N   CA   sing N N 70  
GLN N   H    sing N N 71  
GLN N   H2   sing N N 72  
GLN CA  C    sing N N 73  
GLN CA  CB   sing N N 74  
GLN CA  HA   sing N N 75  
GLN C   O    doub N N 76  
GLN C   OXT  sing N N 77  
GLN CB  CG   sing N N 78  
GLN CB  HB2  sing N N 79  
GLN CB  HB3  sing N N 80  
GLN CG  CD   sing N N 81  
GLN CG  HG2  sing N N 82  
GLN CG  HG3  sing N N 83  
GLN CD  OE1  doub N N 84  
GLN CD  NE2  sing N N 85  
GLN NE2 HE21 sing N N 86  
GLN NE2 HE22 sing N N 87  
GLN OXT HXT  sing N N 88  
GLU N   CA   sing N N 89  
GLU N   H    sing N N 90  
GLU N   H2   sing N N 91  
GLU CA  C    sing N N 92  
GLU CA  CB   sing N N 93  
GLU CA  HA   sing N N 94  
GLU C   O    doub N N 95  
GLU C   OXT  sing N N 96  
GLU CB  CG   sing N N 97  
GLU CB  HB2  sing N N 98  
GLU CB  HB3  sing N N 99  
GLU CG  CD   sing N N 100 
GLU CG  HG2  sing N N 101 
GLU CG  HG3  sing N N 102 
GLU CD  OE1  doub N N 103 
GLU CD  OE2  sing N N 104 
GLU OE2 HE2  sing N N 105 
GLU OXT HXT  sing N N 106 
GLY N   CA   sing N N 107 
GLY N   H    sing N N 108 
GLY N   H2   sing N N 109 
GLY CA  C    sing N N 110 
GLY CA  HA2  sing N N 111 
GLY CA  HA3  sing N N 112 
GLY C   O    doub N N 113 
GLY C   OXT  sing N N 114 
GLY OXT HXT  sing N N 115 
HOH O   H1   sing N N 116 
HOH O   H2   sing N N 117 
ILE N   CA   sing N N 118 
ILE N   H    sing N N 119 
ILE N   H2   sing N N 120 
ILE CA  C    sing N N 121 
ILE CA  CB   sing N N 122 
ILE CA  HA   sing N N 123 
ILE C   O    doub N N 124 
ILE C   OXT  sing N N 125 
ILE CB  CG1  sing N N 126 
ILE CB  CG2  sing N N 127 
ILE CB  HB   sing N N 128 
ILE CG1 CD1  sing N N 129 
ILE CG1 HG12 sing N N 130 
ILE CG1 HG13 sing N N 131 
ILE CG2 HG21 sing N N 132 
ILE CG2 HG22 sing N N 133 
ILE CG2 HG23 sing N N 134 
ILE CD1 HD11 sing N N 135 
ILE CD1 HD12 sing N N 136 
ILE CD1 HD13 sing N N 137 
ILE OXT HXT  sing N N 138 
LEU N   CA   sing N N 139 
LEU N   H    sing N N 140 
LEU N   H2   sing N N 141 
LEU CA  C    sing N N 142 
LEU CA  CB   sing N N 143 
LEU CA  HA   sing N N 144 
LEU C   O    doub N N 145 
LEU C   OXT  sing N N 146 
LEU CB  CG   sing N N 147 
LEU CB  HB2  sing N N 148 
LEU CB  HB3  sing N N 149 
LEU CG  CD1  sing N N 150 
LEU CG  CD2  sing N N 151 
LEU CG  HG   sing N N 152 
LEU CD1 HD11 sing N N 153 
LEU CD1 HD12 sing N N 154 
LEU CD1 HD13 sing N N 155 
LEU CD2 HD21 sing N N 156 
LEU CD2 HD22 sing N N 157 
LEU CD2 HD23 sing N N 158 
LEU OXT HXT  sing N N 159 
LYS N   CA   sing N N 160 
LYS N   H    sing N N 161 
LYS N   H2   sing N N 162 
LYS CA  C    sing N N 163 
LYS CA  CB   sing N N 164 
LYS CA  HA   sing N N 165 
LYS C   O    doub N N 166 
LYS C   OXT  sing N N 167 
LYS CB  CG   sing N N 168 
LYS CB  HB2  sing N N 169 
LYS CB  HB3  sing N N 170 
LYS CG  CD   sing N N 171 
LYS CG  HG2  sing N N 172 
LYS CG  HG3  sing N N 173 
LYS CD  CE   sing N N 174 
LYS CD  HD2  sing N N 175 
LYS CD  HD3  sing N N 176 
LYS CE  NZ   sing N N 177 
LYS CE  HE2  sing N N 178 
LYS CE  HE3  sing N N 179 
LYS NZ  HZ1  sing N N 180 
LYS NZ  HZ2  sing N N 181 
LYS NZ  HZ3  sing N N 182 
LYS OXT HXT  sing N N 183 
M3L N   CA   sing N N 184 
M3L N   H    sing N N 185 
M3L N   H2   sing N N 186 
M3L CA  CB   sing N N 187 
M3L CA  C    sing N N 188 
M3L CA  HA   sing N N 189 
M3L CB  CG   sing N N 190 
M3L CB  HB2  sing N N 191 
M3L CB  HB3  sing N N 192 
M3L CG  CD   sing N N 193 
M3L CG  HG2  sing N N 194 
M3L CG  HG3  sing N N 195 
M3L CD  CE   sing N N 196 
M3L CD  HD2  sing N N 197 
M3L CD  HD3  sing N N 198 
M3L CE  NZ   sing N N 199 
M3L CE  HE2  sing N N 200 
M3L CE  HE3  sing N N 201 
M3L NZ  CM1  sing N N 202 
M3L NZ  CM2  sing N N 203 
M3L NZ  CM3  sing N N 204 
M3L C   O    doub N N 205 
M3L C   OXT  sing N N 206 
M3L OXT HXT  sing N N 207 
M3L CM1 HM11 sing N N 208 
M3L CM1 HM12 sing N N 209 
M3L CM1 HM13 sing N N 210 
M3L CM2 HM21 sing N N 211 
M3L CM2 HM22 sing N N 212 
M3L CM2 HM23 sing N N 213 
M3L CM3 HM31 sing N N 214 
M3L CM3 HM32 sing N N 215 
M3L CM3 HM33 sing N N 216 
PCA N   CA   sing N N 217 
PCA N   CD   sing N N 218 
PCA N   H    sing N N 219 
PCA CA  CB   sing N N 220 
PCA CA  C    sing N N 221 
PCA CA  HA   sing N N 222 
PCA CB  CG   sing N N 223 
PCA CB  HB2  sing N N 224 
PCA CB  HB3  sing N N 225 
PCA CG  CD   sing N N 226 
PCA CG  HG2  sing N N 227 
PCA CG  HG3  sing N N 228 
PCA CD  OE   doub N N 229 
PCA C   O    doub N N 230 
PCA C   OXT  sing N N 231 
PCA OXT HXT  sing N N 232 
PHE N   CA   sing N N 233 
PHE N   H    sing N N 234 
PHE N   H2   sing N N 235 
PHE CA  C    sing N N 236 
PHE CA  CB   sing N N 237 
PHE CA  HA   sing N N 238 
PHE C   O    doub N N 239 
PHE C   OXT  sing N N 240 
PHE CB  CG   sing N N 241 
PHE CB  HB2  sing N N 242 
PHE CB  HB3  sing N N 243 
PHE CG  CD1  doub Y N 244 
PHE CG  CD2  sing Y N 245 
PHE CD1 CE1  sing Y N 246 
PHE CD1 HD1  sing N N 247 
PHE CD2 CE2  doub Y N 248 
PHE CD2 HD2  sing N N 249 
PHE CE1 CZ   doub Y N 250 
PHE CE1 HE1  sing N N 251 
PHE CE2 CZ   sing Y N 252 
PHE CE2 HE2  sing N N 253 
PHE CZ  HZ   sing N N 254 
PHE OXT HXT  sing N N 255 
PRO N   CA   sing N N 256 
PRO N   CD   sing N N 257 
PRO N   H    sing N N 258 
PRO CA  C    sing N N 259 
PRO CA  CB   sing N N 260 
PRO CA  HA   sing N N 261 
PRO C   O    doub N N 262 
PRO C   OXT  sing N N 263 
PRO CB  CG   sing N N 264 
PRO CB  HB2  sing N N 265 
PRO CB  HB3  sing N N 266 
PRO CG  CD   sing N N 267 
PRO CG  HG2  sing N N 268 
PRO CG  HG3  sing N N 269 
PRO CD  HD2  sing N N 270 
PRO CD  HD3  sing N N 271 
PRO OXT HXT  sing N N 272 
SER N   CA   sing N N 273 
SER N   H    sing N N 274 
SER N   H2   sing N N 275 
SER CA  C    sing N N 276 
SER CA  CB   sing N N 277 
SER CA  HA   sing N N 278 
SER C   O    doub N N 279 
SER C   OXT  sing N N 280 
SER CB  OG   sing N N 281 
SER CB  HB2  sing N N 282 
SER CB  HB3  sing N N 283 
SER OG  HG   sing N N 284 
SER OXT HXT  sing N N 285 
SO4 S   O1   doub N N 286 
SO4 S   O2   doub N N 287 
SO4 S   O3   sing N N 288 
SO4 S   O4   sing N N 289 
THR N   CA   sing N N 290 
THR N   H    sing N N 291 
THR N   H2   sing N N 292 
THR CA  C    sing N N 293 
THR CA  CB   sing N N 294 
THR CA  HA   sing N N 295 
THR C   O    doub N N 296 
THR C   OXT  sing N N 297 
THR CB  OG1  sing N N 298 
THR CB  CG2  sing N N 299 
THR CB  HB   sing N N 300 
THR OG1 HG1  sing N N 301 
THR CG2 HG21 sing N N 302 
THR CG2 HG22 sing N N 303 
THR CG2 HG23 sing N N 304 
THR OXT HXT  sing N N 305 
TRP N   CA   sing N N 306 
TRP N   H    sing N N 307 
TRP N   H2   sing N N 308 
TRP CA  C    sing N N 309 
TRP CA  CB   sing N N 310 
TRP CA  HA   sing N N 311 
TRP C   O    doub N N 312 
TRP C   OXT  sing N N 313 
TRP CB  CG   sing N N 314 
TRP CB  HB2  sing N N 315 
TRP CB  HB3  sing N N 316 
TRP CG  CD1  doub Y N 317 
TRP CG  CD2  sing Y N 318 
TRP CD1 NE1  sing Y N 319 
TRP CD1 HD1  sing N N 320 
TRP CD2 CE2  doub Y N 321 
TRP CD2 CE3  sing Y N 322 
TRP NE1 CE2  sing Y N 323 
TRP NE1 HE1  sing N N 324 
TRP CE2 CZ2  sing Y N 325 
TRP CE3 CZ3  doub Y N 326 
TRP CE3 HE3  sing N N 327 
TRP CZ2 CH2  doub Y N 328 
TRP CZ2 HZ2  sing N N 329 
TRP CZ3 CH2  sing Y N 330 
TRP CZ3 HZ3  sing N N 331 
TRP CH2 HH2  sing N N 332 
TRP OXT HXT  sing N N 333 
TYR N   CA   sing N N 334 
TYR N   H    sing N N 335 
TYR N   H2   sing N N 336 
TYR CA  C    sing N N 337 
TYR CA  CB   sing N N 338 
TYR CA  HA   sing N N 339 
TYR C   O    doub N N 340 
TYR C   OXT  sing N N 341 
TYR CB  CG   sing N N 342 
TYR CB  HB2  sing N N 343 
TYR CB  HB3  sing N N 344 
TYR CG  CD1  doub Y N 345 
TYR CG  CD2  sing Y N 346 
TYR CD1 CE1  sing Y N 347 
TYR CD1 HD1  sing N N 348 
TYR CD2 CE2  doub Y N 349 
TYR CD2 HD2  sing N N 350 
TYR CE1 CZ   doub Y N 351 
TYR CE1 HE1  sing N N 352 
TYR CE2 CZ   sing Y N 353 
TYR CE2 HE2  sing N N 354 
TYR CZ  OH   sing N N 355 
TYR OH  HH   sing N N 356 
TYR OXT HXT  sing N N 357 
VAL N   CA   sing N N 358 
VAL N   H    sing N N 359 
VAL N   H2   sing N N 360 
VAL CA  C    sing N N 361 
VAL CA  CB   sing N N 362 
VAL CA  HA   sing N N 363 
VAL C   O    doub N N 364 
VAL C   OXT  sing N N 365 
VAL CB  CG1  sing N N 366 
VAL CB  CG2  sing N N 367 
VAL CB  HB   sing N N 368 
VAL CG1 HG11 sing N N 369 
VAL CG1 HG12 sing N N 370 
VAL CG1 HG13 sing N N 371 
VAL CG2 HG21 sing N N 372 
VAL CG2 HG22 sing N N 373 
VAL CG2 HG23 sing N N 374 
VAL OXT HXT  sing N N 375 
# 
_pdbx_audit_support.funding_organization   'National Natural Science Foundation of China (NSFC)' 
_pdbx_audit_support.country                China 
_pdbx_audit_support.grant_number           31500615 
_pdbx_audit_support.ordinal                1 
# 
_pdbx_entity_instance_feature.ordinal        1 
_pdbx_entity_instance_feature.comp_id        M3L 
_pdbx_entity_instance_feature.asym_id        ? 
_pdbx_entity_instance_feature.seq_num        ? 
_pdbx_entity_instance_feature.auth_comp_id   M3L 
_pdbx_entity_instance_feature.auth_asym_id   ? 
_pdbx_entity_instance_feature.auth_seq_num   ? 
_pdbx_entity_instance_feature.feature_type   'SUBJECT OF INVESTIGATION' 
_pdbx_entity_instance_feature.details        ? 
# 
loop_
_pdbx_entity_nonpoly.entity_id 
_pdbx_entity_nonpoly.name 
_pdbx_entity_nonpoly.comp_id 
3 'SULFATE ION' SO4 
4 water         HOH 
# 
_pdbx_initial_refinement_model.id               1 
_pdbx_initial_refinement_model.entity_id_list   ? 
_pdbx_initial_refinement_model.type             'experimental model' 
_pdbx_initial_refinement_model.source_name      PDB 
_pdbx_initial_refinement_model.accession_code   1Q3L 
_pdbx_initial_refinement_model.details          ? 
# 
_pdbx_struct_assembly_auth_evidence.id                     1 
_pdbx_struct_assembly_auth_evidence.assembly_id            1 
_pdbx_struct_assembly_auth_evidence.experimental_support   'gel filtration' 
_pdbx_struct_assembly_auth_evidence.details                ? 
# 
